data_1O6I
#
_entry.id   1O6I
#
_cell.length_a   55.805
_cell.length_b   103.743
_cell.length_c   186.283
_cell.angle_alpha   90.00
_cell.angle_beta   90.00
_cell.angle_gamma   90.00
#
_symmetry.space_group_name_H-M   'P 21 21 21'
#
loop_
_entity.id
_entity.type
_entity.pdbx_description
1 polymer Chitinase
2 non-polymer amino({3-[(3S,8aS)-1,4-dioxooctahydropyrrolo[1,2-a]pyrazin-3-yl]propyl}amino)methaniminium
3 non-polymer GLYCEROL
4 non-polymer 'SULFATE ION'
5 water water
#
_entity_poly.entity_id   1
_entity_poly.type   'polypeptide(L)'
_entity_poly.pdbx_seq_one_letter_code
;MSTRKAVIGYYFIPTNQINNYTETDTSVVPFPVSNITPAKAKQLTHINFSFLDINSNLECAWDPATNDAKARDVVNRLTA
LKAHNPSLRIMFSIGGWYYSNDLGVSHANYVNAVKTPASRAKFAQSCVRIMKDYGFDGVDIDWEYPQAAEVDGFIAALQE
IRTLLNQQTITDGRQALPYQLTIAGAGGAFFLSRYYSKLAQIVAPLDYINLMTYDLAGPWEKVTNHQAALFGDAAGPTFY
NALREANLGWSWEELTRAFPSPFSLTVDAAVQQHLMMEGVPSAKIVMGVPFYGRAFKGVSGGNGGQYSSHSTPGEDPYPS
TDYWLVGCEECVRDKDPRIASYRQLEQMLQGNYGYQRLWNDKTKTPYLYHAQNGLFVTYDDAESFKYKAKYIKQQQLGGV
MFWHLGQDNRNGDLLAALDRYFNAADYDDSQLDMGTGLRYTGVGPGNLPIMTAPAYVPGTTYAQGALVSYQGYVWQTKWG
YITSAPGSDSAWLKVGRVA
;
_entity_poly.pdbx_strand_id   A,B
#
# COMPACT_ATOMS: atom_id res chain seq x y z
N THR A 3 34.39 17.78 -0.82
CA THR A 3 34.75 16.35 -1.10
C THR A 3 34.76 16.12 -2.60
N ARG A 4 35.86 15.56 -3.09
CA ARG A 4 36.01 15.31 -4.51
C ARG A 4 34.95 14.32 -4.99
N LYS A 5 34.36 14.60 -6.15
CA LYS A 5 33.36 13.66 -6.68
C LYS A 5 34.08 12.42 -7.25
N ALA A 6 33.50 11.25 -7.02
CA ALA A 6 34.06 10.02 -7.57
C ALA A 6 33.88 10.03 -9.09
N VAL A 7 34.86 9.47 -9.82
CA VAL A 7 34.77 9.31 -11.26
C VAL A 7 35.21 7.86 -11.44
N ILE A 8 34.22 6.99 -11.60
CA ILE A 8 34.45 5.54 -11.67
C ILE A 8 34.27 5.00 -13.07
N GLY A 9 35.37 4.58 -13.70
CA GLY A 9 35.28 4.09 -15.04
C GLY A 9 35.54 2.61 -15.13
N TYR A 10 34.66 1.88 -15.81
CA TYR A 10 34.91 0.45 -16.00
C TYR A 10 36.00 0.16 -17.01
N TYR A 11 36.85 -0.82 -16.70
CA TYR A 11 37.86 -1.29 -17.67
C TYR A 11 37.42 -2.73 -17.87
N PHE A 12 36.87 -3.04 -19.03
CA PHE A 12 36.42 -4.39 -19.29
C PHE A 12 37.32 -5.06 -20.31
N ILE A 13 37.73 -6.29 -20.03
CA ILE A 13 38.58 -7.01 -20.98
C ILE A 13 38.16 -8.48 -20.97
N PRO A 14 37.68 -9.00 -22.12
CA PRO A 14 37.24 -10.39 -22.25
C PRO A 14 38.40 -11.35 -22.06
N THR A 15 38.06 -12.53 -21.60
CA THR A 15 39.05 -13.55 -21.34
C THR A 15 40.03 -13.80 -22.49
N ASN A 16 39.52 -13.86 -23.72
CA ASN A 16 40.40 -14.09 -24.87
C ASN A 16 41.39 -12.96 -25.07
N GLN A 17 41.04 -11.74 -24.69
CA GLN A 17 41.98 -10.63 -24.83
C GLN A 17 43.05 -10.65 -23.75
N ILE A 18 42.70 -11.11 -22.56
CA ILE A 18 43.69 -11.20 -21.48
C ILE A 18 44.72 -12.27 -21.92
N ASN A 19 44.21 -13.42 -22.31
CA ASN A 19 45.05 -14.52 -22.76
C ASN A 19 45.96 -14.19 -23.95
N ASN A 20 45.65 -13.12 -24.68
CA ASN A 20 46.44 -12.74 -25.86
C ASN A 20 46.87 -11.29 -25.73
N TYR A 21 46.90 -10.82 -24.49
CA TYR A 21 47.22 -9.43 -24.23
C TYR A 21 48.43 -8.82 -24.91
N THR A 22 48.19 -7.68 -25.54
CA THR A 22 49.24 -6.91 -26.21
C THR A 22 48.85 -5.45 -26.24
N GLU A 23 49.83 -4.56 -26.25
CA GLU A 23 49.56 -3.13 -26.26
C GLU A 23 49.98 -2.48 -27.56
N THR A 24 50.37 -3.29 -28.53
CA THR A 24 50.83 -2.74 -29.79
C THR A 24 50.03 -3.16 -30.99
N ASP A 25 48.92 -3.85 -30.75
CA ASP A 25 48.07 -4.31 -31.84
C ASP A 25 46.57 -4.24 -31.53
N THR A 26 45.97 -3.10 -31.86
CA THR A 26 44.56 -2.88 -31.61
C THR A 26 43.64 -3.94 -32.22
N SER A 27 44.17 -4.76 -33.12
CA SER A 27 43.32 -5.78 -33.72
C SER A 27 43.07 -6.93 -32.75
N VAL A 28 43.94 -7.07 -31.76
CA VAL A 28 43.81 -8.14 -30.76
C VAL A 28 43.18 -7.57 -29.48
N VAL A 29 43.80 -6.52 -28.97
CA VAL A 29 43.31 -5.84 -27.77
C VAL A 29 43.03 -4.41 -28.18
N PRO A 30 41.77 -4.12 -28.50
CA PRO A 30 41.44 -2.75 -28.93
C PRO A 30 41.80 -1.64 -27.94
N PHE A 31 41.67 -1.92 -26.63
CA PHE A 31 41.94 -0.88 -25.64
C PHE A 31 42.82 -1.39 -24.50
N PRO A 32 44.15 -1.38 -24.72
CA PRO A 32 45.10 -1.85 -23.72
C PRO A 32 45.28 -0.84 -22.60
N VAL A 33 45.82 -1.28 -21.48
CA VAL A 33 46.02 -0.41 -20.32
C VAL A 33 46.86 0.82 -20.62
N SER A 34 47.80 0.70 -21.57
CA SER A 34 48.65 1.82 -21.93
C SER A 34 47.88 3.00 -22.52
N ASN A 35 46.62 2.80 -22.92
CA ASN A 35 45.83 3.90 -23.48
C ASN A 35 45.33 4.78 -22.33
N ILE A 36 45.47 4.29 -21.10
CA ILE A 36 45.05 5.08 -19.95
C ILE A 36 46.34 5.81 -19.55
N THR A 37 46.54 6.94 -20.19
CA THR A 37 47.72 7.76 -20.00
C THR A 37 47.68 8.33 -18.61
N PRO A 38 48.81 8.92 -18.16
CA PRO A 38 48.87 9.51 -16.84
C PRO A 38 47.79 10.56 -16.66
N ALA A 39 47.53 11.35 -17.70
CA ALA A 39 46.51 12.39 -17.58
C ALA A 39 45.10 11.80 -17.37
N LYS A 40 44.78 10.67 -18.00
CA LYS A 40 43.49 10.03 -17.82
C LYS A 40 43.44 9.42 -16.41
N ALA A 41 44.56 8.83 -15.99
CA ALA A 41 44.64 8.22 -14.67
C ALA A 41 44.35 9.25 -13.58
N LYS A 42 44.81 10.49 -13.77
CA LYS A 42 44.54 11.55 -12.81
C LYS A 42 43.07 12.02 -12.77
N GLN A 43 42.35 11.81 -13.88
CA GLN A 43 40.96 12.24 -13.98
C GLN A 43 39.98 11.21 -13.40
N LEU A 44 40.48 10.00 -13.13
CA LEU A 44 39.67 8.92 -12.55
C LEU A 44 39.94 8.83 -11.04
N THR A 45 38.94 8.42 -10.27
CA THR A 45 39.16 8.15 -8.86
C THR A 45 39.13 6.62 -8.73
N HIS A 46 38.39 5.94 -9.61
CA HIS A 46 38.32 4.48 -9.53
C HIS A 46 38.27 3.87 -10.92
N ILE A 47 38.91 2.71 -11.08
CA ILE A 47 38.77 1.94 -12.30
C ILE A 47 38.18 0.59 -11.81
N ASN A 48 37.04 0.18 -12.38
CA ASN A 48 36.44 -1.09 -12.01
C ASN A 48 36.88 -2.12 -13.04
N PHE A 49 37.81 -2.99 -12.67
CA PHE A 49 38.25 -4.04 -13.57
C PHE A 49 37.11 -5.05 -13.65
N SER A 50 36.73 -5.49 -14.86
CA SER A 50 35.60 -6.36 -15.00
C SER A 50 35.83 -7.45 -16.07
N PHE A 51 35.25 -8.65 -15.92
CA PHE A 51 34.45 -9.06 -14.78
C PHE A 51 34.98 -10.37 -14.19
N LEU A 52 34.83 -10.52 -12.88
CA LEU A 52 35.11 -11.80 -12.23
C LEU A 52 33.72 -12.38 -12.01
N ASP A 53 33.63 -13.58 -11.45
CA ASP A 53 32.37 -14.29 -11.30
C ASP A 53 32.33 -15.03 -9.95
N ILE A 54 31.22 -15.71 -9.68
CA ILE A 54 31.11 -16.55 -8.47
C ILE A 54 30.98 -17.96 -9.11
N ASN A 55 31.86 -18.89 -8.72
CA ASN A 55 31.83 -20.24 -9.33
C ASN A 55 30.96 -21.25 -8.59
N SER A 56 30.90 -22.50 -9.09
CA SER A 56 30.05 -23.50 -8.46
C SER A 56 30.51 -23.84 -7.06
N ASN A 57 31.73 -23.41 -6.71
CA ASN A 57 32.26 -23.64 -5.38
C ASN A 57 31.82 -22.51 -4.47
N LEU A 58 31.02 -21.59 -5.04
CA LEU A 58 30.46 -20.45 -4.30
C LEU A 58 31.49 -19.47 -3.76
N GLU A 59 32.53 -19.27 -4.55
CA GLU A 59 33.61 -18.35 -4.20
C GLU A 59 33.85 -17.39 -5.36
N CYS A 60 34.39 -16.22 -5.04
CA CYS A 60 34.72 -15.27 -6.06
C CYS A 60 35.88 -15.88 -6.85
N ALA A 61 35.85 -15.74 -8.18
CA ALA A 61 36.89 -16.29 -9.00
C ALA A 61 36.90 -15.78 -10.43
N TRP A 62 38.05 -15.92 -11.06
CA TRP A 62 38.19 -15.54 -12.44
C TRP A 62 37.52 -16.60 -13.31
N ASP A 63 37.32 -16.25 -14.57
CA ASP A 63 36.75 -17.14 -15.59
C ASP A 63 37.75 -18.31 -15.62
N PRO A 64 37.28 -19.57 -15.65
CA PRO A 64 38.26 -20.68 -15.68
C PRO A 64 39.25 -20.68 -16.85
N ALA A 65 38.82 -20.14 -17.98
CA ALA A 65 39.66 -20.11 -19.17
C ALA A 65 40.76 -19.07 -19.10
N THR A 66 40.73 -18.24 -18.05
CA THR A 66 41.73 -17.20 -17.94
C THR A 66 43.12 -17.73 -17.63
N ASN A 67 44.09 -17.23 -18.37
CA ASN A 67 45.50 -17.57 -18.14
C ASN A 67 45.89 -16.67 -16.97
N ASP A 68 45.99 -17.24 -15.77
CA ASP A 68 46.32 -16.45 -14.59
C ASP A 68 47.53 -15.54 -14.63
N ALA A 69 48.61 -15.94 -15.28
CA ALA A 69 49.79 -15.08 -15.34
C ALA A 69 49.54 -13.86 -16.22
N LYS A 70 48.76 -14.03 -17.28
CA LYS A 70 48.45 -12.89 -18.15
C LYS A 70 47.48 -11.96 -17.38
N ALA A 71 46.56 -12.56 -16.63
CA ALA A 71 45.58 -11.79 -15.83
C ALA A 71 46.35 -10.93 -14.83
N ARG A 72 47.24 -11.56 -14.06
CA ARG A 72 48.03 -10.82 -13.08
C ARG A 72 48.79 -9.68 -13.71
N ASP A 73 49.33 -9.91 -14.90
CA ASP A 73 50.08 -8.86 -15.56
C ASP A 73 49.19 -7.68 -16.00
N VAL A 74 47.97 -7.96 -16.45
CA VAL A 74 47.08 -6.87 -16.86
C VAL A 74 46.73 -6.08 -15.59
N VAL A 75 46.39 -6.78 -14.52
CA VAL A 75 46.07 -6.09 -13.28
C VAL A 75 47.24 -5.28 -12.77
N ASN A 76 48.46 -5.83 -12.85
CA ASN A 76 49.60 -5.02 -12.39
C ASN A 76 49.79 -3.73 -13.21
N ARG A 77 49.45 -3.77 -14.48
CA ARG A 77 49.59 -2.58 -15.29
C ARG A 77 48.59 -1.50 -14.80
N LEU A 78 47.42 -1.96 -14.43
CA LEU A 78 46.39 -1.02 -13.93
C LEU A 78 46.84 -0.48 -12.57
N THR A 79 47.25 -1.34 -11.66
CA THR A 79 47.65 -0.79 -10.35
C THR A 79 48.88 0.12 -10.43
N ALA A 80 49.69 -0.04 -11.48
CA ALA A 80 50.87 0.78 -11.71
C ALA A 80 50.44 2.22 -11.95
N LEU A 81 49.22 2.42 -12.44
CA LEU A 81 48.73 3.74 -12.73
C LEU A 81 48.62 4.57 -11.48
N LYS A 82 48.56 3.91 -10.33
CA LYS A 82 48.45 4.63 -9.06
C LYS A 82 49.66 5.53 -8.82
N ALA A 83 50.76 5.23 -9.50
CA ALA A 83 51.95 6.05 -9.38
C ALA A 83 51.62 7.48 -9.84
N HIS A 84 50.62 7.62 -10.71
CA HIS A 84 50.22 8.92 -11.24
C HIS A 84 49.13 9.64 -10.47
N ASN A 85 48.47 8.94 -9.57
CA ASN A 85 47.34 9.54 -8.86
C ASN A 85 47.19 8.80 -7.54
N PRO A 86 47.63 9.42 -6.43
CA PRO A 86 47.54 8.82 -5.09
C PRO A 86 46.13 8.52 -4.57
N SER A 87 45.10 9.00 -5.25
CA SER A 87 43.73 8.75 -4.80
C SER A 87 43.11 7.61 -5.63
N LEU A 88 43.80 7.20 -6.69
CA LEU A 88 43.22 6.15 -7.55
C LEU A 88 43.08 4.75 -6.94
N ARG A 89 41.93 4.12 -7.18
CA ARG A 89 41.71 2.76 -6.70
C ARG A 89 41.39 1.86 -7.87
N ILE A 90 42.00 0.68 -7.91
CA ILE A 90 41.63 -0.27 -8.96
C ILE A 90 40.73 -1.30 -8.26
N MET A 91 39.44 -1.20 -8.50
CA MET A 91 38.46 -2.11 -7.91
C MET A 91 38.33 -3.30 -8.86
N PHE A 92 37.72 -4.38 -8.40
CA PHE A 92 37.39 -5.46 -9.33
C PHE A 92 35.90 -5.68 -9.15
N SER A 93 35.23 -5.97 -10.26
CA SER A 93 33.78 -6.18 -10.28
C SER A 93 33.43 -7.64 -10.49
N ILE A 94 32.54 -8.18 -9.66
CA ILE A 94 32.08 -9.57 -9.76
C ILE A 94 30.66 -9.53 -10.34
N GLY A 95 30.43 -10.29 -11.40
CA GLY A 95 29.07 -10.34 -11.92
C GLY A 95 28.90 -9.74 -13.28
N GLY A 96 27.95 -8.82 -13.39
CA GLY A 96 27.67 -8.26 -14.69
C GLY A 96 26.45 -9.03 -15.22
N TRP A 97 25.79 -8.47 -16.23
CA TRP A 97 24.60 -9.09 -16.78
C TRP A 97 24.78 -10.53 -17.26
N TYR A 98 25.78 -10.74 -18.09
CA TYR A 98 26.02 -12.07 -18.67
C TYR A 98 26.05 -13.19 -17.62
N TYR A 99 26.89 -13.02 -16.59
CA TYR A 99 26.98 -14.05 -15.56
C TYR A 99 25.83 -14.16 -14.56
N SER A 100 25.33 -13.01 -14.12
CA SER A 100 24.36 -12.98 -13.05
C SER A 100 22.89 -12.74 -13.28
N ASN A 101 22.48 -12.43 -14.51
CA ASN A 101 21.05 -12.21 -14.70
C ASN A 101 20.29 -13.53 -14.40
N ASP A 102 18.98 -13.45 -14.19
CA ASP A 102 18.17 -14.61 -13.84
C ASP A 102 18.43 -15.80 -14.75
N LEU A 103 18.65 -15.55 -16.02
CA LEU A 103 18.86 -16.66 -16.96
C LEU A 103 20.31 -16.79 -17.36
N GLY A 104 21.20 -16.13 -16.62
CA GLY A 104 22.62 -16.15 -16.95
C GLY A 104 23.32 -17.44 -16.54
N VAL A 105 24.47 -17.71 -17.15
CA VAL A 105 25.23 -18.93 -16.86
C VAL A 105 25.60 -19.20 -15.40
N SER A 106 25.84 -18.17 -14.61
CA SER A 106 26.24 -18.40 -13.21
C SER A 106 25.23 -17.98 -12.17
N HIS A 107 24.02 -17.65 -12.58
CA HIS A 107 23.02 -17.18 -11.63
C HIS A 107 22.84 -17.98 -10.35
N ALA A 108 22.75 -19.30 -10.46
CA ALA A 108 22.54 -20.12 -9.27
C ALA A 108 23.64 -19.95 -8.22
N ASN A 109 24.86 -19.68 -8.68
CA ASN A 109 26.01 -19.48 -7.79
C ASN A 109 25.83 -18.23 -6.92
N TYR A 110 25.21 -17.19 -7.50
CA TYR A 110 24.98 -15.99 -6.71
C TYR A 110 23.93 -16.28 -5.67
N VAL A 111 22.83 -16.93 -6.10
CA VAL A 111 21.75 -17.26 -5.17
C VAL A 111 22.26 -18.15 -4.05
N ASN A 112 23.08 -19.13 -4.42
CA ASN A 112 23.60 -20.05 -3.40
C ASN A 112 24.69 -19.50 -2.49
N ALA A 113 25.55 -18.64 -3.04
CA ALA A 113 26.64 -18.09 -2.22
C ALA A 113 26.17 -17.28 -1.02
N VAL A 114 25.02 -16.63 -1.12
CA VAL A 114 24.52 -15.79 -0.03
C VAL A 114 23.49 -16.49 0.85
N LYS A 115 23.23 -17.76 0.58
CA LYS A 115 22.23 -18.54 1.31
C LYS A 115 22.36 -18.72 2.84
N THR A 116 23.56 -19.07 3.31
CA THR A 116 23.75 -19.31 4.74
C THR A 116 24.93 -18.59 5.37
N PRO A 117 24.96 -18.54 6.71
CA PRO A 117 26.08 -17.87 7.36
C PRO A 117 27.40 -18.47 6.89
N ALA A 118 27.44 -19.78 6.66
CA ALA A 118 28.69 -20.41 6.22
C ALA A 118 29.05 -20.09 4.76
N SER A 119 28.05 -20.12 3.88
CA SER A 119 28.30 -19.83 2.47
C SER A 119 28.68 -18.36 2.34
N ARG A 120 28.06 -17.49 3.13
CA ARG A 120 28.38 -16.07 3.09
C ARG A 120 29.80 -15.84 3.59
N ALA A 121 30.17 -16.52 4.68
CA ALA A 121 31.54 -16.34 5.20
C ALA A 121 32.59 -16.80 4.18
N LYS A 122 32.36 -17.94 3.53
CA LYS A 122 33.30 -18.43 2.54
C LYS A 122 33.38 -17.51 1.32
N PHE A 123 32.24 -17.00 0.92
CA PHE A 123 32.21 -16.11 -0.23
C PHE A 123 32.92 -14.80 0.14
N ALA A 124 32.55 -14.19 1.27
CA ALA A 124 33.19 -12.94 1.68
C ALA A 124 34.72 -13.12 1.75
N GLN A 125 35.17 -14.20 2.38
CA GLN A 125 36.60 -14.43 2.47
C GLN A 125 37.27 -14.52 1.10
N SER A 126 36.62 -15.15 0.15
CA SER A 126 37.20 -15.30 -1.16
C SER A 126 37.32 -13.94 -1.83
N CYS A 127 36.38 -13.04 -1.56
CA CYS A 127 36.46 -11.69 -2.19
C CYS A 127 37.70 -10.96 -1.68
N VAL A 128 37.94 -11.04 -0.38
CA VAL A 128 39.10 -10.36 0.17
C VAL A 128 40.40 -11.05 -0.26
N ARG A 129 40.38 -12.37 -0.37
CA ARG A 129 41.58 -13.10 -0.80
C ARG A 129 41.97 -12.69 -2.22
N ILE A 130 40.97 -12.62 -3.10
CA ILE A 130 41.20 -12.24 -4.49
C ILE A 130 41.71 -10.79 -4.49
N MET A 131 41.07 -9.94 -3.69
CA MET A 131 41.51 -8.55 -3.66
C MET A 131 43.01 -8.44 -3.29
N LYS A 132 43.40 -9.11 -2.21
CA LYS A 132 44.79 -9.04 -1.74
C LYS A 132 45.77 -9.76 -2.69
N ASP A 133 45.39 -10.94 -3.16
CA ASP A 133 46.28 -11.69 -4.05
C ASP A 133 46.60 -10.96 -5.36
N TYR A 134 45.60 -10.30 -5.97
CA TYR A 134 45.88 -9.60 -7.23
C TYR A 134 46.25 -8.14 -7.09
N GLY A 135 46.08 -7.59 -5.90
CA GLY A 135 46.45 -6.21 -5.69
C GLY A 135 45.37 -5.18 -5.94
N PHE A 136 44.11 -5.60 -5.85
CA PHE A 136 43.01 -4.64 -6.05
C PHE A 136 42.80 -3.81 -4.79
N ASP A 137 42.05 -2.73 -4.93
CA ASP A 137 41.81 -1.79 -3.84
C ASP A 137 40.40 -1.80 -3.28
N GLY A 138 39.56 -2.71 -3.78
CA GLY A 138 38.20 -2.80 -3.27
C GLY A 138 37.46 -3.84 -4.09
N VAL A 139 36.24 -4.11 -3.64
CA VAL A 139 35.37 -5.11 -4.22
C VAL A 139 34.10 -4.45 -4.74
N ASP A 140 33.72 -4.74 -5.98
CA ASP A 140 32.47 -4.20 -6.51
C ASP A 140 31.60 -5.41 -6.92
N ILE A 141 30.35 -5.47 -6.49
CA ILE A 141 29.52 -6.60 -6.90
C ILE A 141 28.40 -6.10 -7.80
N ASP A 142 28.29 -6.74 -8.97
CA ASP A 142 27.29 -6.36 -9.94
C ASP A 142 26.32 -7.53 -10.21
N TRP A 143 25.57 -7.93 -9.19
CA TRP A 143 24.59 -8.99 -9.39
C TRP A 143 23.34 -8.29 -9.95
N GLU A 144 22.90 -8.69 -11.14
CA GLU A 144 21.74 -8.06 -11.76
C GLU A 144 20.54 -9.02 -11.93
N TYR A 145 19.71 -9.22 -10.89
CA TYR A 145 19.75 -8.57 -9.56
C TYR A 145 19.13 -9.52 -8.51
N PRO A 146 19.54 -9.40 -7.25
CA PRO A 146 18.95 -10.29 -6.23
C PRO A 146 17.43 -10.10 -6.16
N GLN A 147 16.69 -11.18 -5.95
CA GLN A 147 15.23 -11.08 -5.87
C GLN A 147 14.82 -10.93 -4.43
N ALA A 148 13.57 -10.50 -4.18
CA ALA A 148 13.10 -10.26 -2.82
C ALA A 148 13.55 -11.29 -1.77
N ALA A 149 13.43 -12.57 -2.10
CA ALA A 149 13.78 -13.63 -1.18
C ALA A 149 15.27 -13.79 -0.87
N GLU A 150 16.12 -13.32 -1.79
CA GLU A 150 17.57 -13.42 -1.71
C GLU A 150 18.21 -12.16 -1.12
N VAL A 151 17.40 -11.11 -0.99
CA VAL A 151 17.92 -9.84 -0.50
C VAL A 151 18.51 -9.87 0.90
N ASP A 152 17.86 -10.55 1.84
CA ASP A 152 18.43 -10.62 3.17
C ASP A 152 19.80 -11.29 3.16
N GLY A 153 19.97 -12.32 2.34
CA GLY A 153 21.25 -13.01 2.28
C GLY A 153 22.31 -12.11 1.64
N PHE A 154 21.89 -11.37 0.63
CA PHE A 154 22.77 -10.45 -0.10
C PHE A 154 23.25 -9.36 0.88
N ILE A 155 22.32 -8.82 1.65
CA ILE A 155 22.64 -7.80 2.64
C ILE A 155 23.67 -8.37 3.62
N ALA A 156 23.39 -9.57 4.13
CA ALA A 156 24.31 -10.21 5.06
C ALA A 156 25.68 -10.44 4.44
N ALA A 157 25.75 -10.77 3.15
CA ALA A 157 27.04 -10.99 2.52
C ALA A 157 27.83 -9.68 2.44
N LEU A 158 27.15 -8.60 2.07
CA LEU A 158 27.81 -7.30 2.02
C LEU A 158 28.32 -6.88 3.40
N GLN A 159 27.54 -7.15 4.44
CA GLN A 159 27.96 -6.78 5.79
C GLN A 159 29.21 -7.56 6.17
N GLU A 160 29.27 -8.82 5.77
CA GLU A 160 30.43 -9.68 6.08
C GLU A 160 31.66 -9.18 5.31
N ILE A 161 31.51 -8.86 4.03
CA ILE A 161 32.64 -8.32 3.28
C ILE A 161 33.10 -6.98 3.94
N ARG A 162 32.16 -6.12 4.32
CA ARG A 162 32.55 -4.82 4.94
C ARG A 162 33.38 -5.09 6.22
N THR A 163 32.94 -6.06 7.02
CA THR A 163 33.68 -6.37 8.24
C THR A 163 35.11 -6.78 7.90
N LEU A 164 35.27 -7.67 6.93
CA LEU A 164 36.60 -8.14 6.56
C LEU A 164 37.43 -7.05 5.92
N LEU A 165 36.81 -6.22 5.08
CA LEU A 165 37.58 -5.14 4.46
C LEU A 165 38.06 -4.11 5.49
N ASN A 166 37.22 -3.78 6.47
CA ASN A 166 37.62 -2.79 7.47
C ASN A 166 38.78 -3.35 8.29
N GLN A 167 38.73 -4.65 8.58
CA GLN A 167 39.84 -5.28 9.30
C GLN A 167 41.09 -5.24 8.43
N GLN A 168 40.96 -5.52 7.13
CA GLN A 168 42.13 -5.54 6.25
C GLN A 168 42.74 -4.14 6.11
N THR A 169 41.89 -3.11 6.07
CA THR A 169 42.41 -1.74 5.99
C THR A 169 43.32 -1.45 7.19
N ILE A 170 42.91 -1.90 8.37
CA ILE A 170 43.73 -1.62 9.55
C ILE A 170 45.02 -2.43 9.53
N THR A 171 44.89 -3.68 9.12
CA THR A 171 46.04 -4.57 9.02
C THR A 171 47.06 -4.13 7.99
N ASP A 172 46.60 -3.44 6.94
CA ASP A 172 47.47 -3.00 5.88
C ASP A 172 47.86 -1.51 6.01
N GLY A 173 47.44 -0.87 7.09
CA GLY A 173 47.77 0.54 7.30
C GLY A 173 47.19 1.46 6.24
N ARG A 174 46.01 1.11 5.71
CA ARG A 174 45.39 1.89 4.62
C ARG A 174 44.35 2.93 5.05
N GLN A 175 44.53 3.52 6.23
CA GLN A 175 43.59 4.52 6.73
C GLN A 175 43.43 5.68 5.73
N ALA A 176 44.50 6.01 4.99
CA ALA A 176 44.49 7.12 4.01
C ALA A 176 43.76 6.78 2.70
N LEU A 177 43.59 5.48 2.42
CA LEU A 177 42.91 5.03 1.18
C LEU A 177 42.31 3.67 1.55
N PRO A 178 41.26 3.69 2.40
CA PRO A 178 40.63 2.43 2.83
C PRO A 178 40.12 1.54 1.71
N TYR A 179 40.12 0.24 1.94
CA TYR A 179 39.56 -0.67 0.95
C TYR A 179 38.07 -0.34 0.90
N GLN A 180 37.50 -0.44 -0.31
CA GLN A 180 36.09 -0.08 -0.48
C GLN A 180 35.23 -1.22 -0.99
N LEU A 181 33.93 -1.04 -0.78
CA LEU A 181 32.92 -2.00 -1.24
C LEU A 181 31.82 -1.20 -1.94
N THR A 182 31.52 -1.57 -3.18
CA THR A 182 30.45 -0.89 -3.92
C THR A 182 29.61 -1.95 -4.65
N ILE A 183 28.45 -1.54 -5.19
CA ILE A 183 27.69 -2.43 -6.06
C ILE A 183 27.17 -1.57 -7.20
N ALA A 184 26.85 -2.22 -8.30
CA ALA A 184 26.20 -1.54 -9.41
C ALA A 184 24.73 -1.81 -9.09
N GLY A 185 23.93 -0.76 -8.98
CA GLY A 185 22.53 -0.96 -8.69
C GLY A 185 21.67 -0.66 -9.92
N ALA A 186 20.44 -1.14 -9.91
CA ALA A 186 19.52 -0.90 -11.01
C ALA A 186 19.28 0.58 -11.14
N GLY A 187 19.14 1.05 -12.38
CA GLY A 187 18.84 2.44 -12.64
C GLY A 187 17.43 2.68 -13.16
N GLY A 188 16.58 1.66 -13.08
CA GLY A 188 15.18 1.73 -13.53
C GLY A 188 14.30 1.01 -12.52
N ALA A 189 13.06 1.46 -12.38
CA ALA A 189 12.17 0.93 -11.37
C ALA A 189 11.85 -0.54 -11.42
N PHE A 190 11.79 -1.12 -12.60
CA PHE A 190 11.46 -2.52 -12.75
C PHE A 190 12.38 -3.44 -11.99
N PHE A 191 13.67 -3.39 -12.28
CA PHE A 191 14.61 -4.20 -11.51
C PHE A 191 14.83 -3.68 -10.09
N LEU A 192 14.80 -2.35 -9.91
CA LEU A 192 14.98 -1.77 -8.58
C LEU A 192 13.92 -2.29 -7.61
N SER A 193 12.71 -2.54 -8.10
CA SER A 193 11.64 -3.03 -7.20
C SER A 193 11.96 -4.36 -6.52
N ARG A 194 12.96 -5.08 -7.03
CA ARG A 194 13.33 -6.35 -6.41
C ARG A 194 13.86 -6.19 -4.98
N TYR A 195 14.63 -5.13 -4.74
CA TYR A 195 15.24 -4.94 -3.42
C TYR A 195 15.02 -3.56 -2.83
N TYR A 196 14.20 -2.76 -3.50
CA TYR A 196 13.94 -1.40 -3.10
C TYR A 196 13.56 -1.26 -1.65
N SER A 197 12.69 -2.15 -1.15
CA SER A 197 12.26 -1.99 0.24
C SER A 197 13.37 -2.06 1.27
N LYS A 198 14.49 -2.66 0.91
CA LYS A 198 15.58 -2.76 1.88
C LYS A 198 16.80 -1.98 1.40
N LEU A 199 16.58 -0.89 0.67
CA LEU A 199 17.69 -0.09 0.18
C LEU A 199 18.64 0.40 1.27
N ALA A 200 18.07 0.86 2.39
CA ALA A 200 18.91 1.38 3.47
C ALA A 200 19.90 0.31 3.95
N GLN A 201 19.43 -0.91 4.10
CA GLN A 201 20.31 -1.97 4.55
C GLN A 201 21.32 -2.34 3.50
N ILE A 202 20.94 -2.26 2.23
CA ILE A 202 21.88 -2.62 1.16
C ILE A 202 23.00 -1.58 1.05
N VAL A 203 22.64 -0.30 1.21
CA VAL A 203 23.63 0.77 1.07
C VAL A 203 24.50 0.97 2.30
N ALA A 204 24.03 0.52 3.46
CA ALA A 204 24.80 0.71 4.70
C ALA A 204 26.24 0.26 4.65
N PRO A 205 26.51 -0.97 4.16
CA PRO A 205 27.91 -1.42 4.13
C PRO A 205 28.73 -0.90 2.96
N LEU A 206 28.13 -0.07 2.11
CA LEU A 206 28.84 0.36 0.91
C LEU A 206 29.45 1.73 0.96
N ASP A 207 30.50 1.96 0.17
CA ASP A 207 31.04 3.32 0.05
C ASP A 207 30.14 4.02 -1.00
N TYR A 208 29.73 3.26 -2.01
CA TYR A 208 28.85 3.82 -3.06
C TYR A 208 27.94 2.78 -3.67
N ILE A 209 26.79 3.24 -4.14
CA ILE A 209 25.90 2.40 -4.93
C ILE A 209 25.93 3.10 -6.29
N ASN A 210 26.45 2.40 -7.32
CA ASN A 210 26.62 2.99 -8.66
C ASN A 210 25.43 2.63 -9.49
N LEU A 211 24.54 3.62 -9.70
CA LEU A 211 23.30 3.36 -10.44
C LEU A 211 23.53 3.21 -11.94
N MET A 212 22.95 2.15 -12.53
CA MET A 212 23.10 1.92 -13.96
C MET A 212 21.99 2.70 -14.63
N THR A 213 22.13 4.03 -14.54
CA THR A 213 21.12 4.93 -15.07
C THR A 213 21.31 5.18 -16.56
N TYR A 214 21.25 4.07 -17.32
CA TYR A 214 21.35 4.05 -18.79
C TYR A 214 20.72 2.70 -19.25
N ASP A 215 20.69 2.40 -20.55
CA ASP A 215 19.94 1.23 -21.03
C ASP A 215 18.47 1.39 -20.60
N LEU A 216 17.99 2.63 -20.45
CA LEU A 216 16.60 2.83 -20.07
C LEU A 216 15.71 2.78 -21.31
N ALA A 217 16.33 2.60 -22.47
CA ALA A 217 15.58 2.41 -23.73
C ALA A 217 16.41 1.36 -24.39
N GLY A 218 15.79 0.59 -25.28
CA GLY A 218 16.53 -0.44 -25.98
C GLY A 218 15.62 -1.12 -26.99
N PRO A 219 16.14 -2.04 -27.82
CA PRO A 219 15.36 -2.74 -28.84
C PRO A 219 14.26 -3.62 -28.28
N TRP A 220 14.36 -3.92 -27.00
CA TRP A 220 13.35 -4.71 -26.34
C TRP A 220 12.11 -3.87 -26.10
N GLU A 221 12.21 -2.56 -26.32
CA GLU A 221 11.06 -1.68 -26.13
C GLU A 221 10.40 -1.39 -27.47
N LYS A 222 9.09 -1.15 -27.42
CA LYS A 222 8.28 -0.91 -28.60
C LYS A 222 8.62 0.37 -29.32
N VAL A 223 8.77 1.45 -28.55
CA VAL A 223 9.06 2.72 -29.18
C VAL A 223 10.49 3.20 -28.85
N THR A 224 11.13 3.83 -29.84
CA THR A 224 12.48 4.34 -29.59
C THR A 224 12.41 5.42 -28.50
N ASN A 225 13.49 5.55 -27.72
CA ASN A 225 13.52 6.55 -26.68
C ASN A 225 14.98 6.80 -26.30
N HIS A 226 15.20 7.84 -25.51
CA HIS A 226 16.54 8.16 -25.04
C HIS A 226 16.86 7.12 -23.98
N GLN A 227 18.09 6.60 -24.01
CA GLN A 227 18.44 5.56 -23.03
C GLN A 227 18.91 6.12 -21.70
N ALA A 228 19.13 7.44 -21.60
CA ALA A 228 19.58 8.01 -20.34
C ALA A 228 19.16 9.48 -20.22
N ALA A 229 17.89 9.74 -20.50
CA ALA A 229 17.36 11.11 -20.41
C ALA A 229 17.56 11.56 -18.98
N LEU A 230 18.03 12.78 -18.76
CA LEU A 230 18.20 13.26 -17.38
C LEU A 230 16.81 13.55 -16.81
N PHE A 231 16.01 14.32 -17.56
CA PHE A 231 14.63 14.66 -17.16
C PHE A 231 13.66 14.13 -18.21
N GLY A 232 12.35 14.16 -17.91
CA GLY A 232 11.40 13.59 -18.85
C GLY A 232 10.84 14.51 -19.92
N ASP A 233 10.43 13.90 -21.01
CA ASP A 233 9.82 14.61 -22.13
C ASP A 233 8.38 14.05 -22.20
N ALA A 234 7.38 14.89 -21.94
CA ALA A 234 5.98 14.44 -22.00
C ALA A 234 5.61 13.81 -23.34
N ALA A 235 6.34 14.13 -24.40
CA ALA A 235 6.06 13.56 -25.70
C ALA A 235 6.59 12.14 -25.83
N GLY A 236 7.45 11.73 -24.91
CA GLY A 236 8.01 10.40 -25.01
C GLY A 236 7.17 9.35 -24.29
N PRO A 237 7.56 8.08 -24.36
CA PRO A 237 6.83 6.99 -23.70
C PRO A 237 6.89 7.13 -22.19
N THR A 238 5.94 6.50 -21.50
CA THR A 238 5.92 6.52 -20.06
C THR A 238 5.76 5.08 -19.64
N PHE A 239 6.06 4.81 -18.38
CA PHE A 239 6.06 3.44 -17.91
C PHE A 239 5.37 3.23 -16.60
N TYR A 240 5.02 1.96 -16.40
CA TYR A 240 4.39 1.50 -15.16
C TYR A 240 5.41 1.69 -14.04
N ASN A 241 5.01 2.29 -12.91
CA ASN A 241 5.95 2.50 -11.80
C ASN A 241 5.94 1.27 -10.89
N ALA A 242 6.84 0.34 -11.21
CA ALA A 242 6.95 -0.91 -10.49
C ALA A 242 7.17 -0.77 -8.99
N LEU A 243 7.71 0.35 -8.55
CA LEU A 243 7.98 0.53 -7.12
C LEU A 243 6.72 0.50 -6.24
N ARG A 244 5.58 0.87 -6.80
CA ARG A 244 4.34 0.84 -6.01
C ARG A 244 3.95 -0.58 -5.62
N GLU A 245 4.61 -1.58 -6.22
CA GLU A 245 4.34 -3.00 -5.94
C GLU A 245 5.44 -3.65 -5.10
N ALA A 246 6.42 -2.86 -4.66
CA ALA A 246 7.48 -3.39 -3.81
C ALA A 246 6.89 -3.73 -2.41
N ASN A 247 7.55 -4.62 -1.68
CA ASN A 247 7.05 -5.03 -0.37
C ASN A 247 7.43 -4.02 0.69
N LEU A 248 6.80 -2.85 0.61
CA LEU A 248 7.06 -1.74 1.53
C LEU A 248 6.18 -1.72 2.77
N GLY A 249 4.96 -2.23 2.63
CA GLY A 249 4.03 -2.23 3.74
C GLY A 249 3.41 -0.85 3.91
N TRP A 250 3.50 0.00 2.89
CA TRP A 250 2.95 1.37 2.96
C TRP A 250 1.47 1.39 2.59
N SER A 251 0.80 2.49 2.95
CA SER A 251 -0.63 2.66 2.66
C SER A 251 -0.84 3.11 1.22
N TRP A 252 -2.08 3.05 0.74
CA TRP A 252 -2.37 3.48 -0.61
C TRP A 252 -1.91 4.94 -0.85
N GLU A 253 -2.25 5.83 0.06
CA GLU A 253 -1.83 7.22 -0.12
C GLU A 253 -0.33 7.35 -0.15
N GLU A 254 0.36 6.61 0.72
CA GLU A 254 1.83 6.69 0.77
C GLU A 254 2.46 6.15 -0.52
N LEU A 255 1.94 5.03 -1.00
CA LEU A 255 2.46 4.46 -2.25
C LEU A 255 2.21 5.40 -3.43
N THR A 256 0.98 5.93 -3.49
CA THR A 256 0.61 6.80 -4.57
C THR A 256 1.43 8.08 -4.62
N ARG A 257 1.67 8.69 -3.47
CA ARG A 257 2.40 9.93 -3.53
C ARG A 257 3.89 9.72 -3.81
N ALA A 258 4.40 8.53 -3.53
CA ALA A 258 5.82 8.27 -3.78
C ALA A 258 6.08 7.77 -5.19
N PHE A 259 5.12 7.02 -5.72
CA PHE A 259 5.26 6.39 -7.01
C PHE A 259 4.19 6.72 -8.05
N PRO A 260 4.23 7.93 -8.62
CA PRO A 260 3.24 8.32 -9.64
C PRO A 260 3.39 7.34 -10.81
N SER A 261 2.27 6.92 -11.43
CA SER A 261 2.34 5.96 -12.51
C SER A 261 1.22 6.19 -13.51
N PRO A 262 1.54 6.19 -14.82
CA PRO A 262 2.88 5.97 -15.38
C PRO A 262 3.82 7.16 -15.11
N PHE A 263 5.12 6.95 -15.35
CA PHE A 263 6.11 8.02 -15.14
C PHE A 263 7.20 7.94 -16.21
N SER A 264 8.07 8.96 -16.27
CA SER A 264 9.14 9.00 -17.25
C SER A 264 10.40 8.31 -16.67
N LEU A 265 10.85 7.27 -17.34
CA LEU A 265 12.04 6.53 -16.93
C LEU A 265 13.27 7.37 -17.27
N THR A 266 13.75 8.12 -16.28
CA THR A 266 14.89 9.03 -16.48
C THR A 266 15.92 8.82 -15.37
N VAL A 267 17.06 9.46 -15.55
CA VAL A 267 18.14 9.40 -14.56
C VAL A 267 17.65 10.08 -13.28
N ASP A 268 16.97 11.22 -13.42
CA ASP A 268 16.45 11.92 -12.26
C ASP A 268 15.46 11.05 -11.47
N ALA A 269 14.64 10.28 -12.18
CA ALA A 269 13.68 9.40 -11.51
C ALA A 269 14.41 8.39 -10.62
N ALA A 270 15.42 7.72 -11.19
CA ALA A 270 16.16 6.74 -10.38
C ALA A 270 16.82 7.39 -9.18
N VAL A 271 17.48 8.53 -9.38
CA VAL A 271 18.13 9.17 -8.23
C VAL A 271 17.11 9.57 -7.16
N GLN A 272 16.03 10.23 -7.57
CA GLN A 272 15.03 10.63 -6.58
C GLN A 272 14.37 9.44 -5.90
N GLN A 273 14.23 8.33 -6.61
CA GLN A 273 13.59 7.16 -6.00
C GLN A 273 14.50 6.64 -4.88
N HIS A 274 15.81 6.75 -5.08
CA HIS A 274 16.72 6.33 -4.02
C HIS A 274 16.67 7.28 -2.81
N LEU A 275 16.60 8.58 -3.08
CA LEU A 275 16.59 9.58 -2.01
C LEU A 275 15.28 9.56 -1.25
N MET A 276 14.25 8.96 -1.83
CA MET A 276 12.94 8.89 -1.13
C MET A 276 13.00 7.92 0.04
N MET A 277 14.01 7.05 0.05
CA MET A 277 14.12 6.08 1.13
C MET A 277 14.93 6.60 2.30
N GLU A 278 14.40 6.43 3.51
CA GLU A 278 15.12 6.89 4.69
C GLU A 278 16.38 6.04 4.85
N GLY A 279 17.48 6.67 5.25
CA GLY A 279 18.71 5.94 5.43
C GLY A 279 19.59 5.79 4.20
N VAL A 280 19.24 6.44 3.10
CA VAL A 280 20.04 6.32 1.90
C VAL A 280 20.66 7.71 1.70
N PRO A 281 21.94 7.86 2.05
CA PRO A 281 22.59 9.17 1.90
C PRO A 281 22.94 9.56 0.48
N SER A 282 22.68 10.81 0.12
CA SER A 282 22.96 11.24 -1.25
C SER A 282 24.45 11.06 -1.59
N ALA A 283 25.33 11.27 -0.62
CA ALA A 283 26.75 11.15 -0.90
C ALA A 283 27.18 9.72 -1.32
N LYS A 284 26.36 8.70 -1.07
CA LYS A 284 26.72 7.32 -1.51
C LYS A 284 26.13 6.99 -2.89
N ILE A 285 25.26 7.85 -3.42
CA ILE A 285 24.64 7.56 -4.71
C ILE A 285 25.53 8.07 -5.83
N VAL A 286 25.86 7.18 -6.77
CA VAL A 286 26.73 7.57 -7.89
C VAL A 286 25.90 7.40 -9.14
N MET A 287 25.90 8.42 -9.99
CA MET A 287 25.13 8.39 -11.25
C MET A 287 25.89 7.72 -12.39
N GLY A 288 25.36 6.62 -12.91
CA GLY A 288 26.06 6.02 -14.05
C GLY A 288 25.71 6.70 -15.36
N VAL A 289 26.66 6.74 -16.28
CA VAL A 289 26.44 7.31 -17.61
C VAL A 289 27.06 6.37 -18.64
N PRO A 290 26.50 6.32 -19.84
CA PRO A 290 27.04 5.44 -20.86
C PRO A 290 28.06 6.14 -21.77
N PHE A 291 29.13 5.43 -22.11
CA PHE A 291 30.09 6.01 -23.09
C PHE A 291 29.77 5.40 -24.47
N TYR A 292 28.54 4.92 -24.64
CA TYR A 292 28.10 4.32 -25.90
C TYR A 292 26.67 4.70 -26.18
N GLY A 293 26.27 4.51 -27.44
CA GLY A 293 24.90 4.81 -27.81
C GLY A 293 24.19 3.53 -28.25
N ARG A 294 22.87 3.58 -28.27
CA ARG A 294 22.06 2.46 -28.70
C ARG A 294 21.37 2.84 -30.01
N ALA A 295 21.50 1.97 -31.02
CA ALA A 295 20.93 2.25 -32.33
C ALA A 295 19.74 1.41 -32.70
N PHE A 296 18.78 2.04 -33.37
CA PHE A 296 17.54 1.41 -33.84
C PHE A 296 17.39 1.63 -35.36
N LYS A 297 16.78 0.67 -36.05
CA LYS A 297 16.54 0.80 -37.49
C LYS A 297 15.03 0.71 -37.70
N GLY A 298 14.58 1.03 -38.91
CA GLY A 298 13.16 0.97 -39.20
C GLY A 298 12.34 2.05 -38.55
N VAL A 299 12.94 3.21 -38.25
CA VAL A 299 12.18 4.27 -37.58
C VAL A 299 11.56 5.21 -38.60
N SER A 300 10.54 5.95 -38.19
CA SER A 300 9.91 6.89 -39.12
C SER A 300 10.12 8.36 -38.72
N GLY A 301 9.81 9.26 -39.64
CA GLY A 301 10.03 10.68 -39.39
C GLY A 301 8.97 11.43 -38.63
N GLY A 302 9.24 12.72 -38.40
CA GLY A 302 8.29 13.54 -37.68
C GLY A 302 8.89 14.01 -36.36
N ASN A 303 9.82 13.22 -35.84
CA ASN A 303 10.45 13.61 -34.60
C ASN A 303 11.90 13.18 -34.53
N GLY A 304 12.57 13.21 -35.66
CA GLY A 304 13.97 12.85 -35.73
C GLY A 304 14.30 11.45 -35.26
N GLY A 305 13.35 10.54 -35.35
CA GLY A 305 13.61 9.15 -34.96
C GLY A 305 13.14 8.83 -33.56
N GLN A 306 12.90 9.87 -32.77
CA GLN A 306 12.42 9.72 -31.40
C GLN A 306 10.99 9.22 -31.30
N TYR A 307 10.72 8.33 -30.33
CA TYR A 307 9.37 7.84 -30.04
C TYR A 307 8.65 7.23 -31.20
N SER A 308 9.39 6.46 -31.99
CA SER A 308 8.89 5.81 -33.18
C SER A 308 8.92 4.30 -33.04
N SER A 309 8.06 3.61 -33.79
CA SER A 309 8.11 2.16 -33.78
C SER A 309 9.39 1.88 -34.55
N HIS A 310 9.90 0.66 -34.48
CA HIS A 310 11.15 0.32 -35.15
C HIS A 310 11.18 -1.18 -35.43
N SER A 311 12.24 -1.63 -36.10
CA SER A 311 12.36 -3.05 -36.44
C SER A 311 13.70 -3.63 -36.01
N THR A 312 14.14 -3.25 -34.82
CA THR A 312 15.42 -3.72 -34.32
C THR A 312 15.26 -4.98 -33.47
N PRO A 313 15.99 -6.06 -33.80
CA PRO A 313 15.92 -7.32 -33.05
C PRO A 313 16.37 -6.99 -31.63
N GLY A 314 15.68 -7.53 -30.63
CA GLY A 314 16.05 -7.27 -29.24
C GLY A 314 16.86 -8.41 -28.63
N GLU A 315 16.97 -9.52 -29.34
CA GLU A 315 17.69 -10.68 -28.84
C GLU A 315 19.19 -10.58 -28.74
N ASP A 316 19.75 -11.38 -27.83
CA ASP A 316 21.20 -11.48 -27.63
C ASP A 316 21.58 -12.97 -27.71
N PRO A 317 22.55 -13.30 -28.57
CA PRO A 317 23.27 -12.36 -29.42
C PRO A 317 22.42 -11.81 -30.55
N TYR A 318 22.98 -10.86 -31.28
CA TYR A 318 22.33 -10.22 -32.42
C TYR A 318 21.98 -11.38 -33.36
N PRO A 319 20.68 -11.69 -33.50
CA PRO A 319 20.19 -12.80 -34.34
C PRO A 319 20.24 -12.68 -35.86
N SER A 320 21.20 -11.91 -36.37
CA SER A 320 21.32 -11.69 -37.81
C SER A 320 22.76 -11.36 -38.18
N THR A 321 23.01 -11.18 -39.47
CA THR A 321 24.37 -10.86 -39.94
C THR A 321 24.34 -9.52 -40.71
N ASP A 322 23.19 -8.87 -40.64
CA ASP A 322 22.99 -7.59 -41.31
C ASP A 322 23.46 -6.44 -40.44
N TYR A 323 24.68 -5.97 -40.68
CA TYR A 323 25.25 -4.85 -39.91
C TYR A 323 24.84 -3.55 -40.59
N TRP A 324 23.66 -3.07 -40.24
CA TRP A 324 23.03 -1.88 -40.83
C TRP A 324 23.31 -0.48 -40.28
N LEU A 325 24.18 -0.36 -39.28
CA LEU A 325 24.46 0.96 -38.73
C LEU A 325 25.57 1.54 -39.60
N VAL A 326 25.17 2.28 -40.63
CA VAL A 326 26.12 2.85 -41.57
C VAL A 326 27.28 3.63 -40.97
N GLY A 327 28.50 3.26 -41.37
CA GLY A 327 29.69 3.93 -40.90
C GLY A 327 30.32 3.34 -39.65
N CYS A 328 29.57 2.51 -38.96
CA CYS A 328 30.08 1.93 -37.73
C CYS A 328 30.96 0.70 -37.95
N GLU A 329 32.25 0.94 -38.07
CA GLU A 329 33.21 -0.14 -38.29
C GLU A 329 33.32 -1.07 -37.08
N GLU A 330 33.30 -0.52 -35.87
CA GLU A 330 33.39 -1.36 -34.67
C GLU A 330 32.20 -2.31 -34.59
N CYS A 331 31.06 -1.91 -35.17
CA CYS A 331 29.87 -2.76 -35.14
C CYS A 331 30.09 -4.05 -35.92
N VAL A 332 30.94 -3.98 -36.96
CA VAL A 332 31.24 -5.17 -37.75
C VAL A 332 32.20 -6.03 -36.95
N ARG A 333 33.20 -5.39 -36.34
CA ARG A 333 34.15 -6.11 -35.49
C ARG A 333 33.40 -6.89 -34.42
N ASP A 334 32.43 -6.24 -33.77
CA ASP A 334 31.64 -6.85 -32.71
C ASP A 334 30.34 -7.53 -33.13
N LYS A 335 30.09 -7.57 -34.43
CA LYS A 335 28.89 -8.21 -34.97
C LYS A 335 27.56 -7.83 -34.32
N ASP A 336 27.35 -6.53 -34.11
CA ASP A 336 26.11 -6.05 -33.51
C ASP A 336 26.01 -4.58 -33.89
N PRO A 337 24.99 -4.22 -34.67
CA PRO A 337 24.84 -2.82 -35.06
C PRO A 337 23.99 -2.02 -34.09
N ARG A 338 23.57 -2.63 -32.98
CA ARG A 338 22.70 -1.95 -32.03
C ARG A 338 23.41 -1.13 -30.95
N ILE A 339 24.74 -1.23 -30.90
CA ILE A 339 25.57 -0.52 -29.91
C ILE A 339 26.78 0.08 -30.58
N ALA A 340 27.07 1.34 -30.29
CA ALA A 340 28.22 1.98 -30.89
C ALA A 340 28.86 2.88 -29.86
N SER A 341 30.15 2.73 -29.67
CA SER A 341 30.89 3.56 -28.72
C SER A 341 30.85 5.05 -29.12
N TYR A 342 31.00 5.92 -28.14
CA TYR A 342 31.03 7.34 -28.46
C TYR A 342 32.16 7.57 -29.50
N ARG A 343 33.28 6.87 -29.33
CA ARG A 343 34.44 7.00 -30.22
C ARG A 343 34.01 6.83 -31.67
N GLN A 344 33.28 5.74 -31.91
CA GLN A 344 32.79 5.40 -33.24
C GLN A 344 31.72 6.39 -33.72
N LEU A 345 30.79 6.79 -32.84
CA LEU A 345 29.75 7.73 -33.22
C LEU A 345 30.33 9.07 -33.69
N GLU A 346 31.36 9.52 -32.97
CA GLU A 346 32.02 10.77 -33.27
C GLU A 346 32.61 10.66 -34.68
N GLN A 347 33.20 9.50 -35.01
CA GLN A 347 33.78 9.31 -36.34
C GLN A 347 32.68 9.23 -37.39
N MET A 348 31.54 8.63 -37.06
CA MET A 348 30.43 8.53 -38.00
C MET A 348 29.89 9.93 -38.33
N LEU A 349 29.83 10.82 -37.32
CA LEU A 349 29.36 12.19 -37.53
C LEU A 349 30.28 12.99 -38.43
N GLN A 350 31.57 12.79 -38.33
CA GLN A 350 32.46 13.55 -39.19
C GLN A 350 32.76 12.86 -40.53
N GLY A 351 32.07 11.76 -40.82
CA GLY A 351 32.29 11.04 -42.07
C GLY A 351 31.25 11.17 -43.17
N ASN A 352 30.31 12.10 -43.02
CA ASN A 352 29.28 12.31 -44.05
C ASN A 352 28.59 11.01 -44.42
N TYR A 353 27.91 10.41 -43.45
CA TYR A 353 27.22 9.14 -43.66
C TYR A 353 25.73 9.35 -43.63
N GLY A 354 25.28 10.59 -43.56
CA GLY A 354 23.85 10.83 -43.55
C GLY A 354 23.23 11.07 -42.17
N TYR A 355 24.07 11.15 -41.14
CA TYR A 355 23.56 11.36 -39.78
C TYR A 355 23.45 12.83 -39.41
N GLN A 356 22.35 13.21 -38.76
CA GLN A 356 22.13 14.56 -38.26
C GLN A 356 22.19 14.45 -36.73
N ARG A 357 22.94 15.32 -36.07
CA ARG A 357 22.93 15.30 -34.61
C ARG A 357 21.85 16.27 -34.20
N LEU A 358 20.95 15.81 -33.34
CA LEU A 358 19.87 16.62 -32.83
C LEU A 358 20.00 16.67 -31.32
N TRP A 359 19.24 17.54 -30.68
CA TRP A 359 19.32 17.71 -29.23
C TRP A 359 17.93 17.84 -28.66
N ASN A 360 17.64 17.09 -27.60
CA ASN A 360 16.35 17.22 -26.96
C ASN A 360 16.63 18.04 -25.71
N ASP A 361 16.07 19.24 -25.69
CA ASP A 361 16.34 20.14 -24.58
C ASP A 361 15.55 19.88 -23.31
N LYS A 362 14.65 18.91 -23.31
CA LYS A 362 13.92 18.54 -22.08
C LYS A 362 14.73 17.42 -21.38
N THR A 363 15.10 16.41 -22.15
CA THR A 363 15.88 15.26 -21.62
C THR A 363 17.34 15.65 -21.45
N LYS A 364 17.76 16.73 -22.12
CA LYS A 364 19.15 17.24 -22.12
C LYS A 364 20.14 16.20 -22.60
N THR A 365 19.76 15.51 -23.68
CA THR A 365 20.61 14.51 -24.30
C THR A 365 20.55 14.63 -25.82
N PRO A 366 21.62 14.22 -26.51
CA PRO A 366 21.73 14.27 -27.97
C PRO A 366 21.20 12.98 -28.58
N TYR A 367 21.03 12.99 -29.90
CA TYR A 367 20.60 11.80 -30.59
C TYR A 367 20.91 12.00 -32.07
N LEU A 368 21.14 10.90 -32.77
CA LEU A 368 21.39 10.95 -34.20
C LEU A 368 20.15 10.47 -34.93
N TYR A 369 19.88 11.06 -36.10
CA TYR A 369 18.75 10.63 -36.93
C TYR A 369 19.34 10.47 -38.32
N HIS A 370 19.01 9.36 -38.96
CA HIS A 370 19.50 9.10 -40.31
C HIS A 370 18.19 9.05 -41.11
N ALA A 371 17.87 10.16 -41.77
CA ALA A 371 16.65 10.25 -42.55
C ALA A 371 16.58 9.30 -43.73
N GLN A 372 17.70 9.06 -44.39
CA GLN A 372 17.69 8.18 -45.55
C GLN A 372 17.36 6.72 -45.21
N ASN A 373 18.11 6.14 -44.26
CA ASN A 373 17.94 4.75 -43.87
C ASN A 373 17.00 4.47 -42.71
N GLY A 374 16.46 5.53 -42.11
CA GLY A 374 15.55 5.40 -40.99
C GLY A 374 16.22 4.86 -39.73
N LEU A 375 17.29 5.50 -39.30
CA LEU A 375 18.00 5.05 -38.11
C LEU A 375 17.93 6.12 -37.01
N PHE A 376 17.98 5.68 -35.75
CA PHE A 376 17.96 6.58 -34.61
C PHE A 376 19.01 6.09 -33.62
N VAL A 377 19.77 7.01 -33.05
CA VAL A 377 20.79 6.60 -32.06
C VAL A 377 20.66 7.49 -30.84
N THR A 378 20.55 6.87 -29.65
CA THR A 378 20.46 7.63 -28.42
C THR A 378 21.81 7.43 -27.73
N TYR A 379 22.45 8.53 -27.32
CA TYR A 379 23.78 8.43 -26.70
C TYR A 379 24.04 9.63 -25.82
N ASP A 380 25.19 9.69 -25.15
CA ASP A 380 25.53 10.85 -24.34
C ASP A 380 26.83 11.48 -24.83
N ASP A 381 27.03 12.75 -24.52
CA ASP A 381 28.29 13.39 -24.96
C ASP A 381 28.72 14.46 -23.95
N ALA A 382 29.77 15.18 -24.28
CA ALA A 382 30.26 16.22 -23.38
C ALA A 382 29.20 17.24 -23.04
N GLU A 383 28.25 17.47 -23.95
CA GLU A 383 27.19 18.42 -23.65
C GLU A 383 26.18 17.88 -22.64
N SER A 384 25.70 16.65 -22.84
CA SER A 384 24.74 16.08 -21.91
C SER A 384 25.41 15.95 -20.55
N PHE A 385 26.72 15.73 -20.54
CA PHE A 385 27.43 15.59 -19.28
C PHE A 385 27.51 16.89 -18.47
N LYS A 386 27.34 18.06 -19.10
CA LYS A 386 27.31 19.29 -18.32
C LYS A 386 26.11 19.27 -17.38
N TYR A 387 24.95 18.84 -17.90
CA TYR A 387 23.75 18.86 -17.08
C TYR A 387 23.80 17.77 -16.03
N LYS A 388 24.33 16.62 -16.42
CA LYS A 388 24.40 15.54 -15.41
C LYS A 388 25.40 15.88 -14.34
N ALA A 389 26.52 16.51 -14.70
CA ALA A 389 27.49 16.91 -13.67
C ALA A 389 26.86 17.96 -12.73
N LYS A 390 26.12 18.93 -13.30
CA LYS A 390 25.51 19.96 -12.46
C LYS A 390 24.50 19.31 -11.50
N TYR A 391 23.75 18.33 -11.99
CA TYR A 391 22.76 17.60 -11.15
C TYR A 391 23.46 16.87 -10.00
N ILE A 392 24.58 16.22 -10.32
CA ILE A 392 25.38 15.52 -9.30
C ILE A 392 25.81 16.48 -8.18
N LYS A 393 26.25 17.67 -8.57
CA LYS A 393 26.68 18.66 -7.60
C LYS A 393 25.48 19.22 -6.84
N GLN A 394 24.43 19.61 -7.56
CA GLN A 394 23.24 20.19 -6.90
C GLN A 394 22.57 19.22 -5.94
N GLN A 395 22.47 17.96 -6.37
CA GLN A 395 21.82 16.92 -5.56
C GLN A 395 22.75 16.27 -4.53
N GLN A 396 23.99 16.77 -4.47
CA GLN A 396 24.99 16.30 -3.52
C GLN A 396 25.24 14.80 -3.60
N LEU A 397 25.29 14.33 -4.83
CA LEU A 397 25.57 12.90 -5.08
C LEU A 397 27.05 12.59 -4.92
N GLY A 398 27.39 11.31 -4.88
CA GLY A 398 28.77 10.94 -4.66
C GLY A 398 29.68 11.12 -5.84
N GLY A 399 29.11 11.09 -7.04
CA GLY A 399 29.94 11.25 -8.22
C GLY A 399 29.32 10.56 -9.42
N VAL A 400 30.17 10.14 -10.37
CA VAL A 400 29.71 9.52 -11.60
C VAL A 400 30.45 8.20 -11.86
N MET A 401 29.77 7.29 -12.56
CA MET A 401 30.36 5.99 -12.97
C MET A 401 30.05 5.87 -14.46
N PHE A 402 30.92 5.20 -15.21
CA PHE A 402 30.60 5.03 -16.62
C PHE A 402 31.13 3.72 -17.19
N TRP A 403 30.42 3.25 -18.20
CA TRP A 403 30.77 2.04 -18.94
C TRP A 403 30.96 2.48 -20.41
N HIS A 404 32.14 2.29 -21.02
CA HIS A 404 33.37 1.86 -20.35
C HIS A 404 34.52 2.63 -20.99
N LEU A 405 35.70 2.59 -20.34
CA LEU A 405 36.87 3.34 -20.78
C LEU A 405 37.26 3.21 -22.25
N GLY A 406 37.10 2.00 -22.79
CA GLY A 406 37.49 1.76 -24.17
C GLY A 406 36.58 2.44 -25.19
N GLN A 407 35.47 3.00 -24.72
CA GLN A 407 34.52 3.64 -25.61
C GLN A 407 34.68 5.15 -25.72
N ASP A 408 35.50 5.72 -24.86
CA ASP A 408 35.76 7.17 -24.98
C ASP A 408 36.60 7.33 -26.27
N ASN A 409 36.69 8.55 -26.80
CA ASN A 409 37.51 8.67 -28.01
C ASN A 409 38.99 8.61 -27.62
N ARG A 410 39.88 8.61 -28.62
CA ARG A 410 41.31 8.49 -28.34
C ARG A 410 41.88 9.56 -27.43
N ASN A 411 41.32 10.76 -27.47
CA ASN A 411 41.80 11.84 -26.61
C ASN A 411 41.21 11.79 -25.20
N GLY A 412 40.28 10.85 -24.99
CA GLY A 412 39.65 10.74 -23.67
C GLY A 412 38.79 11.95 -23.33
N ASP A 413 38.10 12.50 -24.34
CA ASP A 413 37.29 13.69 -24.10
C ASP A 413 36.14 13.56 -23.15
N LEU A 414 35.45 12.42 -23.14
CA LEU A 414 34.28 12.31 -22.25
C LEU A 414 34.76 12.31 -20.81
N LEU A 415 35.82 11.53 -20.54
CA LEU A 415 36.38 11.50 -19.19
C LEU A 415 36.92 12.89 -18.80
N ALA A 416 37.59 13.56 -19.72
CA ALA A 416 38.12 14.88 -19.42
C ALA A 416 36.99 15.86 -19.12
N ALA A 417 35.86 15.71 -19.81
CA ALA A 417 34.70 16.59 -19.56
C ALA A 417 34.16 16.41 -18.16
N LEU A 418 33.98 15.15 -17.74
CA LEU A 418 33.46 14.90 -16.40
C LEU A 418 34.41 15.51 -15.39
N ASP A 419 35.71 15.25 -15.55
CA ASP A 419 36.69 15.80 -14.60
C ASP A 419 36.64 17.34 -14.58
N ARG A 420 36.50 17.96 -15.76
CA ARG A 420 36.44 19.42 -15.84
C ARG A 420 35.24 19.99 -15.10
N TYR A 421 34.08 19.38 -15.32
CA TYR A 421 32.84 19.89 -14.70
C TYR A 421 32.86 19.79 -13.19
N PHE A 422 33.62 18.85 -12.66
CA PHE A 422 33.68 18.75 -11.23
C PHE A 422 34.83 19.54 -10.62
N ASN A 423 35.94 19.61 -11.34
CA ASN A 423 37.15 20.15 -10.74
C ASN A 423 37.86 21.36 -11.33
N ALA A 424 37.53 21.75 -12.54
CA ALA A 424 38.23 22.86 -13.15
C ALA A 424 37.88 24.21 -12.51
N ALA A 425 38.91 24.93 -12.09
CA ALA A 425 38.70 26.26 -11.46
C ALA A 425 38.15 27.26 -12.45
N ASP A 426 38.39 27.03 -13.74
CA ASP A 426 37.89 27.96 -14.73
C ASP A 426 36.61 27.53 -15.46
N TYR A 427 35.91 26.51 -14.93
CA TYR A 427 34.65 26.08 -15.52
C TYR A 427 33.58 26.59 -14.56
N ASP A 428 32.58 27.27 -15.11
CA ASP A 428 31.53 27.87 -14.29
C ASP A 428 30.16 27.52 -14.84
N ASP A 429 29.43 26.64 -14.17
CA ASP A 429 28.09 26.26 -14.65
C ASP A 429 26.96 26.91 -13.87
N SER A 430 27.25 28.00 -13.18
CA SER A 430 26.24 28.68 -12.38
C SER A 430 25.03 29.08 -13.21
N GLN A 431 25.23 29.38 -14.49
CA GLN A 431 24.14 29.81 -15.38
C GLN A 431 23.60 28.72 -16.27
N LEU A 432 24.08 27.49 -16.14
CA LEU A 432 23.59 26.40 -16.99
C LEU A 432 22.11 26.17 -16.69
N ASP A 433 21.28 26.30 -17.70
CA ASP A 433 19.84 26.17 -17.51
C ASP A 433 19.49 24.69 -17.57
N MET A 434 18.96 24.18 -16.46
CA MET A 434 18.61 22.76 -16.39
C MET A 434 17.34 22.41 -17.13
N GLY A 435 16.74 23.42 -17.78
CA GLY A 435 15.56 23.16 -18.59
C GLY A 435 14.24 22.94 -17.89
N THR A 436 13.24 22.58 -18.69
CA THR A 436 11.89 22.37 -18.20
C THR A 436 11.41 20.92 -18.31
N GLY A 437 12.33 19.99 -18.59
CA GLY A 437 11.92 18.59 -18.65
C GLY A 437 11.24 18.14 -17.35
N LEU A 438 10.47 17.07 -17.43
CA LEU A 438 9.74 16.58 -16.27
C LEU A 438 10.63 16.04 -15.17
N ARG A 439 10.40 16.53 -13.95
CA ARG A 439 11.13 16.07 -12.77
C ARG A 439 10.30 15.01 -12.08
N TYR A 440 10.95 14.08 -11.38
CA TYR A 440 10.23 13.03 -10.67
C TYR A 440 9.80 13.67 -9.35
N THR A 441 8.50 13.72 -9.11
CA THR A 441 7.96 14.39 -7.91
C THR A 441 7.48 13.53 -6.74
N GLY A 442 7.86 12.26 -6.70
CA GLY A 442 7.41 11.44 -5.59
C GLY A 442 7.95 11.93 -4.25
N VAL A 443 7.16 11.74 -3.20
CA VAL A 443 7.59 12.10 -1.86
C VAL A 443 7.52 10.82 -1.04
N GLY A 444 8.59 10.56 -0.29
CA GLY A 444 8.69 9.38 0.55
C GLY A 444 9.26 9.71 1.93
N PRO A 445 9.49 8.72 2.80
CA PRO A 445 10.02 8.97 4.14
C PRO A 445 11.37 9.69 4.18
N GLY A 446 12.20 9.42 3.16
CA GLY A 446 13.52 10.01 3.11
C GLY A 446 13.65 11.40 2.54
N ASN A 447 12.59 11.93 1.94
CA ASN A 447 12.71 13.26 1.39
C ASN A 447 11.52 14.14 1.71
N LEU A 448 11.01 14.00 2.93
CA LEU A 448 9.88 14.83 3.36
C LEU A 448 10.39 16.25 3.49
N PRO A 449 9.56 17.22 3.11
CA PRO A 449 9.98 18.62 3.23
C PRO A 449 9.86 19.12 4.68
N ILE A 450 10.66 20.13 5.01
CA ILE A 450 10.58 20.72 6.34
C ILE A 450 9.24 21.48 6.40
N MET A 451 8.56 21.37 7.53
CA MET A 451 7.26 22.04 7.70
C MET A 451 7.09 22.38 9.18
N THR A 452 6.13 23.25 9.48
CA THR A 452 5.84 23.58 10.90
C THR A 452 4.34 23.44 11.03
N ALA A 453 3.89 23.12 12.24
CA ALA A 453 2.47 22.95 12.50
C ALA A 453 2.32 22.93 13.99
N PRO A 454 1.13 23.29 14.48
CA PRO A 454 0.85 23.30 15.93
C PRO A 454 1.03 21.89 16.50
N ALA A 455 1.48 21.80 17.73
CA ALA A 455 1.66 20.50 18.35
C ALA A 455 0.31 19.80 18.44
N TYR A 456 0.33 18.48 18.25
CA TYR A 456 -0.88 17.66 18.35
C TYR A 456 -1.31 17.72 19.82
N VAL A 457 -2.61 17.83 20.07
CA VAL A 457 -3.09 17.91 21.44
C VAL A 457 -4.03 16.77 21.76
N PRO A 458 -3.61 15.85 22.65
CA PRO A 458 -4.46 14.71 23.02
C PRO A 458 -5.83 15.23 23.47
N GLY A 459 -6.91 14.63 22.99
CA GLY A 459 -8.24 15.08 23.38
C GLY A 459 -8.94 15.99 22.41
N THR A 460 -8.19 16.44 21.41
CA THR A 460 -8.71 17.32 20.38
C THR A 460 -9.25 16.49 19.24
N THR A 461 -10.29 17.01 18.60
CA THR A 461 -10.88 16.36 17.44
C THR A 461 -10.50 17.21 16.24
N TYR A 462 -9.92 16.56 15.23
CA TYR A 462 -9.48 17.28 14.04
C TYR A 462 -10.28 17.07 12.77
N ALA A 463 -10.40 18.13 11.99
CA ALA A 463 -11.11 18.07 10.73
C ALA A 463 -10.18 17.53 9.65
N GLN A 464 -10.78 17.20 8.51
CA GLN A 464 -10.04 16.67 7.38
C GLN A 464 -9.07 17.75 6.88
N GLY A 465 -7.83 17.36 6.59
CA GLY A 465 -6.86 18.35 6.15
C GLY A 465 -6.08 19.09 7.24
N ALA A 466 -6.42 18.86 8.51
CA ALA A 466 -5.70 19.51 9.61
C ALA A 466 -4.24 19.04 9.65
N LEU A 467 -3.37 19.94 10.07
CA LEU A 467 -1.94 19.70 10.17
C LEU A 467 -1.50 19.88 11.60
N VAL A 468 -0.66 18.96 12.07
CA VAL A 468 -0.14 19.02 13.45
C VAL A 468 1.29 18.46 13.48
N SER A 469 2.08 18.86 14.47
CA SER A 469 3.41 18.29 14.61
C SER A 469 3.32 17.26 15.74
N TYR A 470 3.99 16.13 15.59
CA TYR A 470 3.93 15.11 16.63
C TYR A 470 5.14 14.23 16.44
N GLN A 471 5.78 13.94 17.56
CA GLN A 471 6.96 13.09 17.57
C GLN A 471 7.94 13.38 16.44
N GLY A 472 8.12 14.68 16.17
CA GLY A 472 9.09 15.10 15.16
C GLY A 472 8.73 15.29 13.70
N TYR A 473 7.48 15.02 13.35
CA TYR A 473 7.03 15.16 11.96
C TYR A 473 5.74 15.96 11.92
N VAL A 474 5.40 16.43 10.74
CA VAL A 474 4.15 17.14 10.55
C VAL A 474 3.24 16.13 9.84
N TRP A 475 2.02 16.00 10.35
CA TRP A 475 1.02 15.04 9.86
C TRP A 475 -0.24 15.74 9.40
N GLN A 476 -0.94 15.15 8.46
CA GLN A 476 -2.18 15.74 7.98
C GLN A 476 -3.31 14.70 8.00
N THR A 477 -4.53 15.10 8.35
CA THR A 477 -5.63 14.12 8.35
C THR A 477 -6.17 13.83 6.94
N LYS A 478 -6.49 12.55 6.70
CA LYS A 478 -7.02 12.06 5.42
C LYS A 478 -8.55 12.16 5.32
N TRP A 479 -9.21 12.30 6.47
CA TRP A 479 -10.67 12.46 6.56
C TRP A 479 -10.97 13.19 7.87
N GLY A 480 -12.25 13.38 8.17
CA GLY A 480 -12.61 14.14 9.36
C GLY A 480 -13.01 13.43 10.64
N TYR A 481 -13.15 14.23 11.69
CA TYR A 481 -13.52 13.79 13.03
C TYR A 481 -12.48 12.84 13.59
N ILE A 482 -11.22 13.25 13.49
CA ILE A 482 -10.09 12.44 13.95
C ILE A 482 -9.86 12.64 15.44
N THR A 483 -9.99 11.55 16.19
CA THR A 483 -9.87 11.65 17.63
C THR A 483 -8.69 10.93 18.29
N SER A 484 -7.79 10.36 17.51
CA SER A 484 -6.62 9.75 18.14
C SER A 484 -5.37 10.36 17.50
N ALA A 485 -4.22 9.94 18.01
CA ALA A 485 -2.93 10.53 17.60
C ALA A 485 -2.25 9.98 16.38
N PRO A 486 -1.36 10.81 15.78
CA PRO A 486 -0.59 10.43 14.60
C PRO A 486 0.23 9.20 15.03
N GLY A 487 0.27 8.19 14.17
CA GLY A 487 1.00 6.98 14.51
C GLY A 487 0.18 5.92 15.22
N SER A 488 -0.98 6.31 15.77
CA SER A 488 -1.86 5.39 16.49
C SER A 488 -3.23 5.43 15.85
N ASP A 489 -3.36 6.26 14.83
CA ASP A 489 -4.62 6.41 14.11
C ASP A 489 -4.24 6.52 12.63
N SER A 490 -4.69 5.55 11.83
CA SER A 490 -4.36 5.52 10.42
C SER A 490 -4.95 6.68 9.60
N ALA A 491 -5.72 7.56 10.25
CA ALA A 491 -6.28 8.72 9.56
C ALA A 491 -5.20 9.78 9.29
N TRP A 492 -4.04 9.63 9.90
CA TRP A 492 -2.98 10.64 9.72
C TRP A 492 -1.95 10.22 8.69
N LEU A 493 -1.54 11.18 7.88
CA LEU A 493 -0.52 11.00 6.85
C LEU A 493 0.70 11.85 7.20
N LYS A 494 1.89 11.25 7.25
CA LYS A 494 3.12 12.02 7.56
C LYS A 494 3.40 12.84 6.29
N VAL A 495 3.43 14.18 6.37
CA VAL A 495 3.67 14.98 5.17
C VAL A 495 4.87 15.93 5.22
N GLY A 496 5.48 16.05 6.40
CA GLY A 496 6.63 16.93 6.56
C GLY A 496 7.47 16.56 7.77
N ARG A 497 8.64 17.18 7.89
CA ARG A 497 9.53 16.91 9.02
C ARG A 497 9.92 18.18 9.77
N VAL A 498 10.51 17.96 10.94
CA VAL A 498 10.97 19.03 11.84
C VAL A 498 9.71 19.60 12.46
N ALA A 499 9.02 20.35 11.76
N THR B 3 -31.02 -22.86 8.67
CA THR B 3 -30.87 -22.29 10.05
C THR B 3 -31.68 -21.00 10.20
N ARG B 4 -32.39 -20.87 11.31
CA ARG B 4 -33.20 -19.69 11.54
C ARG B 4 -32.29 -18.47 11.59
N LYS B 5 -32.75 -17.39 10.97
CA LYS B 5 -31.98 -16.16 10.97
C LYS B 5 -32.12 -15.46 12.31
N ALA B 6 -31.02 -14.87 12.79
CA ALA B 6 -31.12 -14.14 14.05
C ALA B 6 -31.90 -12.85 13.85
N VAL B 7 -32.64 -12.46 14.87
CA VAL B 7 -33.37 -11.18 14.88
C VAL B 7 -32.99 -10.62 16.25
N ILE B 8 -32.05 -9.68 16.23
CA ILE B 8 -31.48 -9.16 17.49
C ILE B 8 -31.93 -7.75 17.72
N GLY B 9 -32.76 -7.56 18.73
CA GLY B 9 -33.24 -6.22 19.01
C GLY B 9 -32.69 -5.60 20.28
N TYR B 10 -32.22 -4.36 20.18
CA TYR B 10 -31.73 -3.67 21.39
C TYR B 10 -32.86 -3.17 22.28
N TYR B 11 -32.75 -3.38 23.59
CA TYR B 11 -33.70 -2.80 24.52
C TYR B 11 -32.76 -1.82 25.28
N PHE B 12 -32.95 -0.52 25.04
CA PHE B 12 -32.14 0.49 25.71
C PHE B 12 -32.98 1.23 26.75
N ILE B 13 -32.44 1.33 27.96
CA ILE B 13 -33.14 2.06 29.00
C ILE B 13 -32.10 2.83 29.81
N PRO B 14 -32.22 4.17 29.83
CA PRO B 14 -31.27 5.00 30.58
C PRO B 14 -31.40 4.76 32.08
N THR B 15 -30.30 5.02 32.80
CA THR B 15 -30.28 4.83 34.24
C THR B 15 -31.44 5.53 34.96
N ASN B 16 -31.79 6.74 34.53
CA ASN B 16 -32.88 7.40 35.25
C ASN B 16 -34.23 6.71 35.07
N GLN B 17 -34.40 5.99 33.95
CA GLN B 17 -35.65 5.27 33.70
C GLN B 17 -35.68 3.98 34.48
N ILE B 18 -34.52 3.35 34.64
CA ILE B 18 -34.44 2.13 35.44
C ILE B 18 -34.77 2.53 36.88
N ASN B 19 -34.16 3.60 37.38
CA ASN B 19 -34.39 4.01 38.75
C ASN B 19 -35.82 4.43 39.05
N ASN B 20 -36.55 4.85 38.02
CA ASN B 20 -37.94 5.26 38.19
C ASN B 20 -38.87 4.39 37.34
N TYR B 21 -38.42 3.17 37.08
CA TYR B 21 -39.16 2.28 36.21
C TYR B 21 -40.62 2.10 36.58
N THR B 22 -41.47 2.22 35.58
CA THR B 22 -42.90 2.05 35.73
C THR B 22 -43.47 1.64 34.39
N GLU B 23 -44.52 0.84 34.43
CA GLU B 23 -45.15 0.39 33.21
C GLU B 23 -46.49 1.06 32.98
N THR B 24 -46.73 2.13 33.71
CA THR B 24 -48.01 2.85 33.55
C THR B 24 -47.88 4.35 33.35
N ASP B 25 -46.71 4.80 32.92
CA ASP B 25 -46.49 6.21 32.68
C ASP B 25 -45.43 6.43 31.60
N THR B 26 -45.88 6.58 30.36
CA THR B 26 -44.95 6.78 29.27
C THR B 26 -44.18 8.08 29.30
N SER B 27 -44.55 9.03 30.17
CA SER B 27 -43.78 10.26 30.26
C SER B 27 -42.52 9.99 31.09
N VAL B 28 -42.53 8.89 31.86
CA VAL B 28 -41.40 8.47 32.70
C VAL B 28 -40.58 7.39 31.96
N VAL B 29 -41.26 6.34 31.53
CA VAL B 29 -40.62 5.26 30.78
C VAL B 29 -41.47 5.07 29.54
N PRO B 30 -41.04 5.66 28.40
CA PRO B 30 -41.75 5.58 27.11
C PRO B 30 -41.94 4.16 26.59
N PHE B 31 -41.00 3.28 26.94
CA PHE B 31 -41.09 1.93 26.42
C PHE B 31 -40.80 0.88 27.46
N PRO B 32 -41.79 0.54 28.28
CA PRO B 32 -41.55 -0.48 29.31
C PRO B 32 -41.54 -1.88 28.67
N VAL B 33 -41.00 -2.84 29.39
CA VAL B 33 -40.90 -4.21 28.91
C VAL B 33 -42.27 -4.82 28.60
N SER B 34 -43.31 -4.35 29.26
CA SER B 34 -44.65 -4.86 29.03
C SER B 34 -45.14 -4.62 27.60
N ASN B 35 -44.42 -3.77 26.86
CA ASN B 35 -44.80 -3.49 25.47
C ASN B 35 -44.32 -4.66 24.60
N ILE B 36 -43.43 -5.49 25.15
CA ILE B 36 -42.93 -6.65 24.41
C ILE B 36 -43.86 -7.82 24.78
N THR B 37 -44.88 -8.03 23.95
CA THR B 37 -45.88 -9.09 24.15
C THR B 37 -45.33 -10.46 23.80
N PRO B 38 -46.10 -11.53 24.08
CA PRO B 38 -45.61 -12.86 23.73
C PRO B 38 -45.31 -12.99 22.24
N ALA B 39 -46.13 -12.35 21.43
CA ALA B 39 -45.97 -12.40 19.98
C ALA B 39 -44.66 -11.77 19.58
N LYS B 40 -44.33 -10.62 20.18
CA LYS B 40 -43.07 -9.97 19.85
C LYS B 40 -41.90 -10.78 20.36
N ALA B 41 -42.04 -11.36 21.55
CA ALA B 41 -40.95 -12.19 22.09
C ALA B 41 -40.67 -13.36 21.17
N LYS B 42 -41.71 -13.89 20.51
CA LYS B 42 -41.49 -15.05 19.63
C LYS B 42 -40.83 -14.62 18.33
N GLN B 43 -40.96 -13.34 18.01
CA GLN B 43 -40.37 -12.78 16.77
C GLN B 43 -38.87 -12.45 16.90
N LEU B 44 -38.38 -12.41 18.13
CA LEU B 44 -36.98 -12.09 18.38
C LEU B 44 -36.22 -13.35 18.72
N THR B 45 -34.91 -13.37 18.42
CA THR B 45 -34.09 -14.48 18.87
C THR B 45 -33.20 -13.94 19.98
N HIS B 46 -32.93 -12.64 19.96
CA HIS B 46 -32.06 -12.04 20.98
C HIS B 46 -32.55 -10.64 21.33
N ILE B 47 -32.46 -10.30 22.60
CA ILE B 47 -32.73 -8.92 23.00
C ILE B 47 -31.42 -8.49 23.63
N ASN B 48 -30.85 -7.39 23.16
CA ASN B 48 -29.60 -6.88 23.74
C ASN B 48 -29.95 -5.78 24.75
N PHE B 49 -29.93 -6.12 26.05
CA PHE B 49 -30.23 -5.13 27.09
C PHE B 49 -29.02 -4.18 27.10
N SER B 50 -29.26 -2.86 27.06
CA SER B 50 -28.16 -1.89 26.99
C SER B 50 -28.38 -0.67 27.89
N PHE B 51 -27.33 -0.09 28.50
CA PHE B 51 -25.93 -0.52 28.38
C PHE B 51 -25.29 -0.70 29.76
N LEU B 52 -24.35 -1.65 29.84
CA LEU B 52 -23.53 -1.79 31.04
C LEU B 52 -22.18 -1.17 30.61
N ASP B 53 -21.19 -1.13 31.49
CA ASP B 53 -19.95 -0.44 31.14
C ASP B 53 -18.78 -1.20 31.76
N ILE B 54 -17.57 -0.63 31.66
CA ILE B 54 -16.40 -1.19 32.33
C ILE B 54 -15.98 -0.05 33.28
N ASN B 55 -15.80 -0.38 34.56
CA ASN B 55 -15.46 0.66 35.52
C ASN B 55 -13.96 0.86 35.67
N SER B 56 -13.55 1.77 36.56
CA SER B 56 -12.12 2.06 36.73
C SER B 56 -11.38 0.89 37.37
N ASN B 57 -12.13 -0.07 37.93
CA ASN B 57 -11.50 -1.28 38.49
C ASN B 57 -11.30 -2.28 37.35
N LEU B 58 -11.67 -1.85 36.14
CA LEU B 58 -11.51 -2.67 34.93
C LEU B 58 -12.32 -3.95 34.93
N GLU B 59 -13.52 -3.85 35.50
CA GLU B 59 -14.47 -4.95 35.49
C GLU B 59 -15.80 -4.44 34.90
N CYS B 60 -16.55 -5.38 34.33
CA CYS B 60 -17.88 -5.06 33.79
C CYS B 60 -18.73 -4.64 34.99
N ALA B 61 -19.51 -3.58 34.82
CA ALA B 61 -20.36 -3.11 35.89
C ALA B 61 -21.48 -2.24 35.39
N TRP B 62 -22.50 -2.10 36.22
CA TRP B 62 -23.59 -1.21 35.89
C TRP B 62 -23.11 0.21 36.23
N ASP B 63 -23.74 1.21 35.64
CA ASP B 63 -23.45 2.62 35.98
C ASP B 63 -23.68 2.67 37.51
N PRO B 64 -22.73 3.22 38.28
CA PRO B 64 -22.84 3.31 39.75
C PRO B 64 -24.10 3.97 40.27
N ALA B 65 -24.73 4.81 39.47
CA ALA B 65 -25.95 5.51 39.85
C ALA B 65 -27.23 4.65 39.76
N THR B 66 -27.07 3.43 39.25
CA THR B 66 -28.22 2.52 39.12
C THR B 66 -28.69 1.91 40.45
N ASN B 67 -29.99 1.97 40.69
CA ASN B 67 -30.61 1.34 41.87
C ASN B 67 -30.56 -0.14 41.45
N ASP B 68 -29.80 -0.94 42.17
CA ASP B 68 -29.61 -2.34 41.79
C ASP B 68 -30.89 -3.19 41.79
N ALA B 69 -31.74 -3.00 42.78
CA ALA B 69 -33.01 -3.74 42.83
C ALA B 69 -33.84 -3.45 41.58
N LYS B 70 -33.96 -2.17 41.26
CA LYS B 70 -34.74 -1.77 40.08
C LYS B 70 -34.14 -2.36 38.79
N ALA B 71 -32.81 -2.44 38.74
CA ALA B 71 -32.11 -3.01 37.57
C ALA B 71 -32.47 -4.51 37.44
N ARG B 72 -32.40 -5.22 38.56
CA ARG B 72 -32.73 -6.64 38.52
C ARG B 72 -34.17 -6.84 38.08
N ASP B 73 -35.07 -5.96 38.53
CA ASP B 73 -36.49 -6.06 38.18
C ASP B 73 -36.70 -5.86 36.67
N VAL B 74 -36.01 -4.88 36.08
CA VAL B 74 -36.19 -4.67 34.64
C VAL B 74 -35.65 -5.90 33.88
N VAL B 75 -34.48 -6.36 34.28
CA VAL B 75 -33.90 -7.53 33.62
C VAL B 75 -34.81 -8.75 33.79
N ASN B 76 -35.38 -8.92 34.99
CA ASN B 76 -36.30 -10.04 35.20
C ASN B 76 -37.48 -10.00 34.26
N ARG B 77 -38.00 -8.80 33.98
CA ARG B 77 -39.12 -8.69 33.07
C ARG B 77 -38.72 -9.18 31.69
N LEU B 78 -37.47 -8.90 31.31
CA LEU B 78 -37.00 -9.36 30.01
C LEU B 78 -36.76 -10.86 30.01
N THR B 79 -36.12 -11.40 31.05
CA THR B 79 -35.87 -12.83 30.98
C THR B 79 -37.16 -13.64 31.14
N ALA B 80 -38.20 -13.04 31.71
CA ALA B 80 -39.47 -13.74 31.84
C ALA B 80 -40.06 -14.00 30.44
N LEU B 81 -39.63 -13.21 29.45
CA LEU B 81 -40.16 -13.38 28.10
C LEU B 81 -39.73 -14.72 27.51
N LYS B 82 -38.69 -15.33 28.08
CA LYS B 82 -38.17 -16.60 27.60
C LYS B 82 -39.23 -17.70 27.74
N ALA B 83 -40.23 -17.47 28.60
CA ALA B 83 -41.29 -18.48 28.75
C ALA B 83 -42.07 -18.65 27.44
N HIS B 84 -42.06 -17.60 26.61
CA HIS B 84 -42.80 -17.63 25.34
C HIS B 84 -42.00 -18.05 24.14
N ASN B 85 -40.70 -18.19 24.31
CA ASN B 85 -39.84 -18.52 23.18
C ASN B 85 -38.62 -19.21 23.71
N PRO B 86 -38.55 -20.55 23.60
CA PRO B 86 -37.41 -21.32 24.10
C PRO B 86 -36.06 -21.10 23.38
N SER B 87 -36.09 -20.25 22.34
CA SER B 87 -34.88 -19.93 21.60
C SER B 87 -34.36 -18.54 21.96
N LEU B 88 -35.19 -17.74 22.64
CA LEU B 88 -34.83 -16.34 22.99
C LEU B 88 -33.70 -16.21 24.01
N ARG B 89 -32.78 -15.29 23.74
CA ARG B 89 -31.69 -15.02 24.67
C ARG B 89 -31.75 -13.54 25.04
N ILE B 90 -31.55 -13.23 26.33
CA ILE B 90 -31.49 -11.82 26.76
C ILE B 90 -30.00 -11.58 27.00
N MET B 91 -29.35 -10.97 26.01
CA MET B 91 -27.93 -10.62 26.10
C MET B 91 -27.83 -9.29 26.86
N PHE B 92 -26.62 -8.96 27.33
CA PHE B 92 -26.42 -7.61 27.89
C PHE B 92 -25.25 -7.04 27.11
N SER B 93 -25.33 -5.76 26.80
CA SER B 93 -24.31 -5.10 26.01
C SER B 93 -23.48 -4.18 26.87
N ILE B 94 -22.17 -4.33 26.74
CA ILE B 94 -21.22 -3.48 27.46
C ILE B 94 -20.67 -2.45 26.49
N GLY B 95 -20.78 -1.17 26.83
CA GLY B 95 -20.22 -0.15 25.97
C GLY B 95 -21.23 0.79 25.38
N GLY B 96 -21.23 0.85 24.05
CA GLY B 96 -22.08 1.80 23.36
C GLY B 96 -21.26 3.06 23.10
N TRP B 97 -21.73 3.92 22.20
CA TRP B 97 -20.95 5.13 21.88
C TRP B 97 -20.62 6.04 23.07
N TYR B 98 -21.63 6.41 23.85
CA TYR B 98 -21.41 7.33 24.98
C TYR B 98 -20.31 6.89 25.95
N TYR B 99 -20.32 5.62 26.33
CA TYR B 99 -19.28 5.13 27.24
C TYR B 99 -17.94 4.86 26.62
N SER B 100 -17.94 4.31 25.40
CA SER B 100 -16.70 3.83 24.83
C SER B 100 -16.02 4.56 23.67
N ASN B 101 -16.61 5.63 23.14
CA ASN B 101 -15.94 6.30 22.05
C ASN B 101 -14.62 6.88 22.60
N ASP B 102 -13.70 7.24 21.72
CA ASP B 102 -12.38 7.76 22.13
C ASP B 102 -12.44 8.84 23.21
N LEU B 103 -13.44 9.71 23.09
CA LEU B 103 -13.60 10.82 24.03
C LEU B 103 -14.71 10.57 25.04
N GLY B 104 -15.17 9.31 25.13
CA GLY B 104 -16.23 8.96 26.03
C GLY B 104 -15.79 8.83 27.48
N VAL B 105 -16.76 8.89 28.38
CA VAL B 105 -16.47 8.86 29.79
C VAL B 105 -15.71 7.67 30.31
N SER B 106 -15.82 6.51 29.66
CA SER B 106 -15.13 5.34 30.20
C SER B 106 -14.13 4.71 29.25
N HIS B 107 -13.78 5.41 28.16
CA HIS B 107 -12.88 4.84 27.16
C HIS B 107 -11.61 4.23 27.73
N ALA B 108 -10.97 4.93 28.66
CA ALA B 108 -9.74 4.41 29.23
C ALA B 108 -9.93 3.04 29.87
N ASN B 109 -11.10 2.79 30.47
CA ASN B 109 -11.32 1.51 31.12
C ASN B 109 -11.33 0.37 30.09
N TYR B 110 -11.81 0.63 28.87
CA TYR B 110 -11.81 -0.40 27.83
C TYR B 110 -10.36 -0.71 27.42
N VAL B 111 -9.60 0.34 27.13
CA VAL B 111 -8.21 0.17 26.73
C VAL B 111 -7.39 -0.58 27.77
N ASN B 112 -7.54 -0.19 29.03
CA ASN B 112 -6.75 -0.80 30.07
C ASN B 112 -7.21 -2.18 30.47
N ALA B 113 -8.51 -2.47 30.36
CA ALA B 113 -8.97 -3.78 30.76
C ALA B 113 -8.42 -4.86 29.82
N VAL B 114 -8.15 -4.51 28.56
CA VAL B 114 -7.68 -5.56 27.64
C VAL B 114 -6.18 -5.70 27.51
N LYS B 115 -5.45 -4.95 28.34
CA LYS B 115 -3.98 -4.92 28.23
C LYS B 115 -3.12 -6.15 28.50
N THR B 116 -3.36 -6.85 29.60
CA THR B 116 -2.50 -7.97 29.95
C THR B 116 -3.27 -9.23 30.24
N PRO B 117 -2.56 -10.37 30.36
CA PRO B 117 -3.30 -11.60 30.65
C PRO B 117 -4.12 -11.45 31.93
N ALA B 118 -3.52 -10.84 32.94
CA ALA B 118 -4.22 -10.64 34.22
C ALA B 118 -5.44 -9.72 34.08
N SER B 119 -5.28 -8.58 33.41
CA SER B 119 -6.43 -7.67 33.29
C SER B 119 -7.54 -8.32 32.48
N ARG B 120 -7.18 -9.02 31.42
CA ARG B 120 -8.18 -9.70 30.58
C ARG B 120 -8.92 -10.80 31.37
N ALA B 121 -8.18 -11.54 32.20
CA ALA B 121 -8.82 -12.58 33.00
C ALA B 121 -9.82 -11.95 33.99
N LYS B 122 -9.39 -10.91 34.69
CA LYS B 122 -10.26 -10.24 35.67
C LYS B 122 -11.49 -9.68 34.97
N PHE B 123 -11.28 -9.03 33.82
CA PHE B 123 -12.40 -8.48 33.07
C PHE B 123 -13.33 -9.58 32.61
N ALA B 124 -12.78 -10.60 31.96
CA ALA B 124 -13.65 -11.69 31.47
C ALA B 124 -14.44 -12.37 32.59
N GLN B 125 -13.79 -12.59 33.73
CA GLN B 125 -14.47 -13.22 34.87
C GLN B 125 -15.64 -12.33 35.29
N SER B 126 -15.43 -11.02 35.26
CA SER B 126 -16.48 -10.12 35.68
C SER B 126 -17.68 -10.16 34.73
N CYS B 127 -17.42 -10.36 33.44
CA CYS B 127 -18.52 -10.45 32.46
C CYS B 127 -19.39 -11.67 32.77
N VAL B 128 -18.74 -12.81 33.04
CA VAL B 128 -19.51 -14.00 33.34
C VAL B 128 -20.22 -13.86 34.70
N ARG B 129 -19.61 -13.17 35.65
CA ARG B 129 -20.25 -13.01 36.95
C ARG B 129 -21.53 -12.15 36.85
N ILE B 130 -21.44 -11.06 36.10
CA ILE B 130 -22.59 -10.19 35.91
C ILE B 130 -23.65 -11.00 35.14
N MET B 131 -23.20 -11.73 34.13
CA MET B 131 -24.14 -12.54 33.34
C MET B 131 -24.93 -13.47 34.26
N LYS B 132 -24.24 -14.23 35.10
CA LYS B 132 -24.95 -15.15 35.99
C LYS B 132 -25.73 -14.46 37.11
N ASP B 133 -25.18 -13.40 37.66
CA ASP B 133 -25.86 -12.72 38.76
C ASP B 133 -27.20 -12.14 38.37
N TYR B 134 -27.29 -11.54 37.18
CA TYR B 134 -28.51 -10.91 36.74
C TYR B 134 -29.44 -11.78 35.88
N GLY B 135 -28.89 -12.88 35.38
CA GLY B 135 -29.71 -13.81 34.63
C GLY B 135 -29.67 -13.66 33.14
N PHE B 136 -28.60 -13.06 32.62
CA PHE B 136 -28.48 -12.87 31.18
C PHE B 136 -28.03 -14.18 30.53
N ASP B 137 -28.18 -14.23 29.21
CA ASP B 137 -27.87 -15.42 28.41
C ASP B 137 -26.63 -15.29 27.54
N GLY B 138 -25.92 -14.16 27.66
CA GLY B 138 -24.75 -14.00 26.82
C GLY B 138 -24.22 -12.59 27.02
N VAL B 139 -23.06 -12.35 26.43
CA VAL B 139 -22.33 -11.09 26.53
C VAL B 139 -22.17 -10.44 25.17
N ASP B 140 -22.51 -9.16 25.07
CA ASP B 140 -22.32 -8.43 23.80
C ASP B 140 -21.38 -7.25 24.13
N ILE B 141 -20.33 -7.06 23.34
CA ILE B 141 -19.43 -5.93 23.65
C ILE B 141 -19.53 -4.94 22.49
N ASP B 142 -19.84 -3.68 22.83
CA ASP B 142 -20.00 -2.61 21.85
C ASP B 142 -18.98 -1.49 22.08
N TRP B 143 -17.72 -1.81 21.90
CA TRP B 143 -16.65 -0.81 22.06
C TRP B 143 -16.52 -0.15 20.67
N GLU B 144 -16.77 1.15 20.63
CA GLU B 144 -16.76 1.91 19.40
C GLU B 144 -15.61 2.91 19.33
N TYR B 145 -14.40 2.51 18.96
CA TYR B 145 -14.01 1.14 18.52
C TYR B 145 -12.53 0.99 18.87
N PRO B 146 -12.08 -0.25 19.09
CA PRO B 146 -10.64 -0.39 19.41
C PRO B 146 -9.78 -0.05 18.20
N GLN B 147 -8.58 0.45 18.42
CA GLN B 147 -7.75 0.64 17.24
C GLN B 147 -6.32 0.40 17.56
N ALA B 148 -5.48 0.46 16.53
CA ALA B 148 -4.04 0.34 16.75
C ALA B 148 -3.63 -0.80 17.65
N ALA B 149 -2.83 -0.41 18.63
CA ALA B 149 -2.26 -1.32 19.59
C ALA B 149 -3.24 -1.97 20.50
N GLU B 150 -4.51 -1.55 20.45
CA GLU B 150 -5.53 -2.13 21.33
C GLU B 150 -6.17 -3.39 20.75
N VAL B 151 -6.07 -3.57 19.44
CA VAL B 151 -6.80 -4.69 18.82
C VAL B 151 -6.33 -6.06 19.30
N ASP B 152 -5.03 -6.26 19.47
CA ASP B 152 -4.60 -7.60 19.92
C ASP B 152 -5.12 -7.91 21.32
N GLY B 153 -5.11 -6.91 22.20
CA GLY B 153 -5.64 -7.10 23.55
C GLY B 153 -7.14 -7.43 23.48
N PHE B 154 -7.87 -6.67 22.65
CA PHE B 154 -9.31 -6.86 22.46
C PHE B 154 -9.57 -8.31 22.01
N ILE B 155 -8.84 -8.76 20.99
CA ILE B 155 -8.98 -10.14 20.49
C ILE B 155 -8.75 -11.14 21.62
N ALA B 156 -7.66 -10.97 22.35
CA ALA B 156 -7.38 -11.90 23.45
C ALA B 156 -8.46 -11.85 24.54
N ALA B 157 -9.07 -10.69 24.77
CA ALA B 157 -10.12 -10.57 25.78
C ALA B 157 -11.36 -11.37 25.33
N LEU B 158 -11.68 -11.26 24.04
CA LEU B 158 -12.83 -11.98 23.49
C LEU B 158 -12.59 -13.47 23.59
N GLN B 159 -11.37 -13.91 23.28
CA GLN B 159 -11.02 -15.33 23.37
C GLN B 159 -11.18 -15.80 24.83
N GLU B 160 -10.77 -14.96 25.78
CA GLU B 160 -10.89 -15.38 27.20
C GLU B 160 -12.35 -15.51 27.62
N ILE B 161 -13.17 -14.52 27.25
CA ILE B 161 -14.59 -14.56 27.60
C ILE B 161 -15.21 -15.82 26.99
N ARG B 162 -14.81 -16.13 25.74
CA ARG B 162 -15.36 -17.31 25.05
C ARG B 162 -15.03 -18.58 25.87
N THR B 163 -13.77 -18.71 26.27
CA THR B 163 -13.39 -19.87 27.09
C THR B 163 -14.24 -19.96 28.36
N LEU B 164 -14.39 -18.83 29.08
CA LEU B 164 -15.19 -18.85 30.29
C LEU B 164 -16.68 -19.15 30.06
N LEU B 165 -17.23 -18.65 28.95
CA LEU B 165 -18.63 -18.89 28.65
C LEU B 165 -18.83 -20.35 28.29
N ASN B 166 -17.90 -20.92 27.53
CA ASN B 166 -18.06 -22.32 27.14
C ASN B 166 -18.03 -23.22 28.36
N GLN B 167 -17.18 -22.89 29.32
CA GLN B 167 -17.12 -23.68 30.54
C GLN B 167 -18.41 -23.47 31.34
N GLN B 168 -18.94 -22.24 31.36
CA GLN B 168 -20.16 -22.00 32.11
C GLN B 168 -21.32 -22.78 31.51
N THR B 169 -21.34 -22.90 30.18
CA THR B 169 -22.40 -23.62 29.50
C THR B 169 -22.40 -25.07 30.03
N ILE B 170 -21.22 -25.68 30.09
CA ILE B 170 -21.13 -27.07 30.58
C ILE B 170 -21.50 -27.15 32.06
N THR B 171 -20.97 -26.25 32.87
CA THR B 171 -21.26 -26.24 34.30
C THR B 171 -22.76 -26.14 34.56
N ASP B 172 -23.43 -25.29 33.79
CA ASP B 172 -24.86 -25.05 33.95
C ASP B 172 -25.77 -26.01 33.18
N GLY B 173 -25.19 -26.94 32.44
CA GLY B 173 -26.00 -27.87 31.68
C GLY B 173 -26.82 -27.12 30.64
N ARG B 174 -26.25 -26.05 30.10
CA ARG B 174 -26.95 -25.22 29.12
C ARG B 174 -26.67 -25.57 27.66
N GLN B 175 -26.30 -26.83 27.39
CA GLN B 175 -26.01 -27.19 26.01
C GLN B 175 -27.15 -26.89 25.03
N ALA B 176 -28.41 -26.90 25.49
CA ALA B 176 -29.54 -26.61 24.59
C ALA B 176 -29.69 -25.11 24.25
N LEU B 177 -29.02 -24.24 25.00
CA LEU B 177 -29.09 -22.79 24.71
C LEU B 177 -27.80 -22.23 25.32
N PRO B 178 -26.66 -22.58 24.73
CA PRO B 178 -25.32 -22.15 25.17
C PRO B 178 -25.20 -20.66 25.31
N TYR B 179 -24.41 -20.25 26.30
CA TYR B 179 -24.18 -18.81 26.48
C TYR B 179 -23.43 -18.33 25.21
N GLN B 180 -23.74 -17.12 24.78
CA GLN B 180 -23.16 -16.59 23.55
C GLN B 180 -22.34 -15.32 23.75
N LEU B 181 -21.56 -14.99 22.73
CA LEU B 181 -20.68 -13.81 22.72
C LEU B 181 -20.78 -13.13 21.39
N THR B 182 -21.13 -11.85 21.39
CA THR B 182 -21.22 -11.09 20.15
C THR B 182 -20.57 -9.72 20.35
N ILE B 183 -20.41 -8.98 19.26
CA ILE B 183 -19.98 -7.59 19.39
C ILE B 183 -20.75 -6.80 18.36
N ALA B 184 -20.83 -5.49 18.59
CA ALA B 184 -21.41 -4.59 17.57
C ALA B 184 -20.16 -4.10 16.82
N GLY B 185 -20.19 -4.20 15.50
CA GLY B 185 -19.06 -3.75 14.68
C GLY B 185 -19.42 -2.53 13.83
N ALA B 186 -18.39 -1.79 13.38
CA ALA B 186 -18.60 -0.62 12.54
C ALA B 186 -19.27 -1.06 11.25
N GLY B 187 -20.15 -0.20 10.74
CA GLY B 187 -20.85 -0.46 9.51
C GLY B 187 -20.38 0.43 8.37
N GLY B 188 -19.30 1.18 8.60
CA GLY B 188 -18.76 2.09 7.56
C GLY B 188 -17.24 1.98 7.56
N ALA B 189 -16.61 2.20 6.41
CA ALA B 189 -15.14 2.01 6.28
C ALA B 189 -14.28 2.86 7.18
N PHE B 190 -14.72 4.06 7.53
CA PHE B 190 -13.87 4.90 8.34
C PHE B 190 -13.55 4.30 9.68
N PHE B 191 -14.58 3.94 10.43
CA PHE B 191 -14.32 3.31 11.72
C PHE B 191 -13.85 1.86 11.54
N LEU B 192 -14.36 1.17 10.52
CA LEU B 192 -13.94 -0.21 10.29
C LEU B 192 -12.42 -0.32 10.06
N SER B 193 -11.84 0.69 9.40
CA SER B 193 -10.40 0.68 9.12
C SER B 193 -9.54 0.56 10.40
N ARG B 194 -10.11 0.86 11.57
CA ARG B 194 -9.34 0.74 12.81
C ARG B 194 -8.88 -0.68 13.08
N TYR B 195 -9.78 -1.65 12.84
CA TYR B 195 -9.45 -3.05 13.14
C TYR B 195 -9.63 -4.04 12.01
N TYR B 196 -9.96 -3.51 10.85
CA TYR B 196 -10.20 -4.32 9.67
C TYR B 196 -9.17 -5.42 9.39
N SER B 197 -7.88 -5.08 9.48
CA SER B 197 -6.83 -6.06 9.20
C SER B 197 -6.89 -7.33 10.02
N LYS B 198 -7.51 -7.25 11.22
CA LYS B 198 -7.58 -8.43 12.11
C LYS B 198 -9.02 -8.96 12.30
N LEU B 199 -9.89 -8.71 11.32
CA LEU B 199 -11.29 -9.17 11.42
C LEU B 199 -11.45 -10.64 11.67
N ALA B 200 -10.67 -11.46 10.97
CA ALA B 200 -10.83 -12.91 11.19
C ALA B 200 -10.58 -13.30 12.63
N GLN B 201 -9.54 -12.72 13.27
CA GLN B 201 -9.29 -13.07 14.67
C GLN B 201 -10.35 -12.50 15.61
N ILE B 202 -10.90 -11.35 15.23
CA ILE B 202 -11.95 -10.75 16.07
C ILE B 202 -13.21 -11.58 16.02
N VAL B 203 -13.54 -12.08 14.83
CA VAL B 203 -14.80 -12.83 14.67
C VAL B 203 -14.73 -14.29 15.13
N ALA B 204 -13.53 -14.86 15.17
CA ALA B 204 -13.41 -16.26 15.57
C ALA B 204 -14.10 -16.66 16.88
N PRO B 205 -13.95 -15.88 17.94
CA PRO B 205 -14.60 -16.26 19.20
C PRO B 205 -16.08 -15.90 19.32
N LEU B 206 -16.62 -15.21 18.31
CA LEU B 206 -17.99 -14.75 18.36
C LEU B 206 -19.04 -15.65 17.72
N ASP B 207 -20.27 -15.53 18.22
CA ASP B 207 -21.38 -16.20 17.58
C ASP B 207 -21.80 -15.27 16.43
N TYR B 208 -21.73 -13.96 16.66
CA TYR B 208 -22.12 -12.99 15.60
C TYR B 208 -21.40 -11.69 15.74
N ILE B 209 -21.20 -10.99 14.62
CA ILE B 209 -20.65 -9.64 14.65
C ILE B 209 -21.84 -8.87 14.03
N ASN B 210 -22.40 -7.97 14.83
CA ASN B 210 -23.59 -7.21 14.44
C ASN B 210 -23.15 -5.87 13.87
N LEU B 211 -23.24 -5.72 12.55
CA LEU B 211 -22.77 -4.51 11.89
C LEU B 211 -23.70 -3.32 12.03
N MET B 212 -23.16 -2.18 12.43
CA MET B 212 -23.96 -0.96 12.59
C MET B 212 -24.09 -0.30 11.23
N THR B 213 -24.77 -1.00 10.32
CA THR B 213 -24.96 -0.54 8.95
C THR B 213 -26.09 0.48 8.78
N TYR B 214 -25.90 1.58 9.50
CA TYR B 214 -26.80 2.73 9.49
C TYR B 214 -26.00 3.91 10.03
N ASP B 215 -26.61 5.10 10.09
CA ASP B 215 -25.87 6.30 10.47
C ASP B 215 -24.80 6.56 9.40
N LEU B 216 -25.02 6.08 8.17
CA LEU B 216 -24.05 6.30 7.12
C LEU B 216 -24.25 7.65 6.44
N ALA B 217 -25.21 8.43 6.96
CA ALA B 217 -25.47 9.81 6.53
C ALA B 217 -25.90 10.50 7.83
N GLY B 218 -25.69 11.80 7.92
CA GLY B 218 -26.05 12.49 9.14
C GLY B 218 -25.72 13.96 8.97
N PRO B 219 -25.99 14.81 9.96
CA PRO B 219 -25.70 16.25 9.89
C PRO B 219 -24.23 16.55 9.74
N TRP B 220 -23.39 15.65 10.24
CA TRP B 220 -21.94 15.84 10.14
C TRP B 220 -21.45 15.77 8.69
N GLU B 221 -22.34 15.43 7.75
CA GLU B 221 -21.99 15.37 6.32
C GLU B 221 -22.62 16.56 5.55
N LYS B 222 -21.93 17.05 4.53
CA LYS B 222 -22.37 18.20 3.74
C LYS B 222 -23.53 18.01 2.79
N VAL B 223 -23.72 16.78 2.34
CA VAL B 223 -24.79 16.48 1.40
C VAL B 223 -25.76 15.54 2.10
N THR B 224 -27.06 15.72 1.88
CA THR B 224 -28.03 14.85 2.50
C THR B 224 -27.94 13.51 1.75
N ASN B 225 -28.20 12.40 2.44
CA ASN B 225 -28.10 11.11 1.79
C ASN B 225 -28.86 10.10 2.65
N HIS B 226 -29.08 8.91 2.11
CA HIS B 226 -29.76 7.84 2.83
C HIS B 226 -28.78 7.32 3.89
N GLN B 227 -29.26 7.09 5.12
CA GLN B 227 -28.36 6.63 6.17
C GLN B 227 -28.12 5.14 6.15
N ALA B 228 -28.91 4.42 5.36
CA ALA B 228 -28.76 2.98 5.28
C ALA B 228 -29.14 2.46 3.90
N ALA B 229 -28.61 3.10 2.85
CA ALA B 229 -28.90 2.62 1.49
C ALA B 229 -28.40 1.17 1.36
N LEU B 230 -29.20 0.28 0.79
CA LEU B 230 -28.73 -1.10 0.63
C LEU B 230 -27.67 -1.12 -0.45
N PHE B 231 -27.99 -0.53 -1.61
CA PHE B 231 -27.06 -0.44 -2.75
C PHE B 231 -26.85 1.04 -3.05
N GLY B 232 -25.89 1.35 -3.93
CA GLY B 232 -25.59 2.73 -4.20
C GLY B 232 -26.35 3.35 -5.35
N ASP B 233 -26.48 4.67 -5.27
CA ASP B 233 -27.14 5.51 -6.28
C ASP B 233 -25.99 6.36 -6.87
N ALA B 234 -25.69 6.19 -8.16
CA ALA B 234 -24.63 6.95 -8.79
C ALA B 234 -24.85 8.47 -8.64
N ALA B 235 -26.10 8.88 -8.41
CA ALA B 235 -26.41 10.30 -8.24
C ALA B 235 -26.08 10.83 -6.88
N GLY B 236 -25.88 9.93 -5.91
CA GLY B 236 -25.57 10.33 -4.54
C GLY B 236 -24.10 10.58 -4.26
N PRO B 237 -23.77 11.10 -3.08
CA PRO B 237 -22.35 11.35 -2.77
C PRO B 237 -21.53 10.09 -2.67
N THR B 238 -20.24 10.24 -2.91
CA THR B 238 -19.32 9.11 -2.78
C THR B 238 -18.26 9.51 -1.75
N PHE B 239 -17.61 8.51 -1.19
CA PHE B 239 -16.64 8.71 -0.15
C PHE B 239 -15.31 8.04 -0.36
N TYR B 240 -14.36 8.56 0.40
CA TYR B 240 -13.00 8.08 0.43
C TYR B 240 -13.05 6.68 1.04
N ASN B 241 -12.38 5.69 0.45
CA ASN B 241 -12.40 4.35 1.02
C ASN B 241 -11.27 4.20 2.03
N ALA B 242 -11.57 4.47 3.28
CA ALA B 242 -10.55 4.39 4.33
C ALA B 242 -9.84 3.06 4.51
N LEU B 243 -10.41 1.93 4.03
CA LEU B 243 -9.75 0.65 4.25
C LEU B 243 -8.39 0.60 3.50
N ARG B 244 -8.25 1.45 2.48
CA ARG B 244 -7.02 1.53 1.68
C ARG B 244 -5.84 1.94 2.54
N GLU B 245 -6.14 2.46 3.74
CA GLU B 245 -5.13 2.92 4.68
C GLU B 245 -4.87 2.02 5.86
N ALA B 246 -5.58 0.89 5.94
CA ALA B 246 -5.37 -0.06 7.04
C ALA B 246 -4.04 -0.81 6.89
N ASN B 247 -3.46 -1.28 7.99
CA ASN B 247 -2.16 -1.97 7.91
C ASN B 247 -2.32 -3.39 7.46
N LEU B 248 -2.41 -3.56 6.15
CA LEU B 248 -2.63 -4.85 5.54
C LEU B 248 -1.43 -5.52 4.90
N GLY B 249 -0.47 -4.71 4.44
CA GLY B 249 0.71 -5.24 3.76
C GLY B 249 0.40 -5.64 2.32
N TRP B 250 -0.59 -4.99 1.71
CA TRP B 250 -0.97 -5.32 0.34
C TRP B 250 -0.34 -4.34 -0.63
N SER B 251 -0.13 -4.78 -1.87
CA SER B 251 0.47 -3.90 -2.87
C SER B 251 -0.53 -2.85 -3.35
N TRP B 252 -0.04 -1.84 -4.06
CA TRP B 252 -0.93 -0.80 -4.58
C TRP B 252 -2.05 -1.45 -5.41
N GLU B 253 -1.70 -2.42 -6.26
CA GLU B 253 -2.74 -3.06 -7.10
C GLU B 253 -3.73 -3.80 -6.24
N GLU B 254 -3.24 -4.49 -5.23
CA GLU B 254 -4.15 -5.24 -4.37
C GLU B 254 -5.06 -4.27 -3.61
N LEU B 255 -4.51 -3.19 -3.12
CA LEU B 255 -5.33 -2.22 -2.38
C LEU B 255 -6.42 -1.60 -3.29
N THR B 256 -6.02 -1.23 -4.49
CA THR B 256 -6.95 -0.59 -5.41
C THR B 256 -8.08 -1.53 -5.82
N ARG B 257 -7.73 -2.80 -6.06
CA ARG B 257 -8.73 -3.80 -6.44
C ARG B 257 -9.71 -4.12 -5.30
N ALA B 258 -9.22 -4.12 -4.06
CA ALA B 258 -10.05 -4.44 -2.89
C ALA B 258 -10.89 -3.23 -2.47
N PHE B 259 -10.33 -2.04 -2.65
CA PHE B 259 -10.97 -0.84 -2.18
C PHE B 259 -11.20 0.27 -3.18
N PRO B 260 -12.20 0.09 -4.05
CA PRO B 260 -12.55 1.10 -5.06
C PRO B 260 -12.75 2.42 -4.32
N SER B 261 -12.27 3.53 -4.87
CA SER B 261 -12.41 4.83 -4.17
C SER B 261 -12.42 6.00 -5.17
N PRO B 262 -13.38 6.93 -5.04
CA PRO B 262 -14.46 6.98 -4.04
C PRO B 262 -15.52 5.89 -4.23
N PHE B 263 -16.25 5.60 -3.16
CA PHE B 263 -17.25 4.54 -3.28
C PHE B 263 -18.55 4.96 -2.62
N SER B 264 -19.60 4.17 -2.84
CA SER B 264 -20.90 4.43 -2.21
C SER B 264 -20.96 3.75 -0.86
N LEU B 265 -21.16 4.55 0.18
CA LEU B 265 -21.24 4.07 1.56
C LEU B 265 -22.65 3.48 1.75
N THR B 266 -22.73 2.17 1.62
CA THR B 266 -24.00 1.44 1.69
C THR B 266 -23.89 0.21 2.58
N VAL B 267 -25.03 -0.42 2.84
CA VAL B 267 -25.05 -1.62 3.64
C VAL B 267 -24.31 -2.74 2.91
N ASP B 268 -24.54 -2.87 1.62
CA ASP B 268 -23.87 -3.91 0.80
C ASP B 268 -22.34 -3.69 0.86
N ALA B 269 -21.89 -2.45 0.86
CA ALA B 269 -20.42 -2.19 0.92
C ALA B 269 -19.85 -2.78 2.20
N ALA B 270 -20.48 -2.49 3.33
CA ALA B 270 -19.97 -3.00 4.61
C ALA B 270 -19.96 -4.51 4.62
N VAL B 271 -21.05 -5.13 4.18
CA VAL B 271 -21.09 -6.57 4.21
C VAL B 271 -20.03 -7.17 3.30
N GLN B 272 -19.94 -6.64 2.09
CA GLN B 272 -18.93 -7.18 1.14
C GLN B 272 -17.48 -6.94 1.64
N GLN B 273 -17.27 -5.83 2.32
CA GLN B 273 -15.92 -5.52 2.83
C GLN B 273 -15.58 -6.58 3.89
N HIS B 274 -16.54 -6.98 4.71
CA HIS B 274 -16.24 -8.03 5.69
C HIS B 274 -15.95 -9.37 4.99
N LEU B 275 -16.73 -9.69 3.96
CA LEU B 275 -16.56 -10.96 3.23
C LEU B 275 -15.26 -11.04 2.43
N MET B 276 -14.68 -9.91 2.08
CA MET B 276 -13.41 -9.89 1.34
C MET B 276 -12.26 -10.43 2.22
N MET B 277 -12.42 -10.43 3.53
CA MET B 277 -11.35 -10.94 4.38
C MET B 277 -11.40 -12.44 4.61
N GLU B 278 -10.26 -13.11 4.44
CA GLU B 278 -10.21 -14.55 4.65
C GLU B 278 -10.60 -14.93 6.08
N GLY B 279 -11.41 -15.98 6.22
CA GLY B 279 -11.77 -16.40 7.56
C GLY B 279 -12.90 -15.70 8.27
N VAL B 280 -13.67 -14.89 7.55
CA VAL B 280 -14.83 -14.20 8.12
C VAL B 280 -16.04 -14.89 7.46
N PRO B 281 -16.72 -15.78 8.19
CA PRO B 281 -17.86 -16.46 7.59
C PRO B 281 -19.11 -15.64 7.45
N SER B 282 -19.82 -15.79 6.34
CA SER B 282 -21.05 -15.00 6.17
C SER B 282 -22.07 -15.29 7.29
N ALA B 283 -22.14 -16.54 7.76
CA ALA B 283 -23.12 -16.90 8.77
C ALA B 283 -22.99 -16.16 10.10
N LYS B 284 -21.82 -15.56 10.33
CA LYS B 284 -21.62 -14.80 11.58
C LYS B 284 -21.90 -13.34 11.38
N ILE B 285 -22.10 -12.92 10.14
CA ILE B 285 -22.32 -11.49 9.89
C ILE B 285 -23.81 -11.14 10.04
N VAL B 286 -24.12 -10.17 10.89
CA VAL B 286 -25.51 -9.75 11.10
C VAL B 286 -25.67 -8.31 10.63
N MET B 287 -26.69 -8.08 9.81
CA MET B 287 -26.94 -6.75 9.26
C MET B 287 -27.75 -5.90 10.22
N GLY B 288 -27.21 -4.76 10.61
CA GLY B 288 -27.96 -3.87 11.48
C GLY B 288 -28.86 -2.97 10.67
N VAL B 289 -30.03 -2.65 11.22
CA VAL B 289 -30.94 -1.73 10.55
C VAL B 289 -31.44 -0.78 11.62
N PRO B 290 -31.82 0.44 11.21
CA PRO B 290 -32.32 1.45 12.13
C PRO B 290 -33.84 1.48 12.25
N PHE B 291 -34.35 1.65 13.47
CA PHE B 291 -35.80 1.77 13.64
C PHE B 291 -36.13 3.26 13.82
N TYR B 292 -35.21 4.09 13.32
CA TYR B 292 -35.35 5.53 13.38
C TYR B 292 -34.84 6.17 12.10
N GLY B 293 -35.26 7.40 11.89
CA GLY B 293 -34.83 8.16 10.72
C GLY B 293 -34.01 9.37 11.13
N ARG B 294 -33.26 9.93 10.19
CA ARG B 294 -32.44 11.12 10.47
C ARG B 294 -33.01 12.22 9.57
N ALA B 295 -33.21 13.38 10.17
CA ALA B 295 -33.80 14.52 9.46
C ALA B 295 -32.87 15.68 9.24
N PHE B 296 -33.08 16.38 8.12
CA PHE B 296 -32.25 17.52 7.74
C PHE B 296 -33.19 18.65 7.31
N LYS B 297 -32.76 19.87 7.58
CA LYS B 297 -33.54 21.07 7.21
C LYS B 297 -32.71 21.91 6.24
N GLY B 298 -33.34 22.84 5.54
CA GLY B 298 -32.58 23.66 4.62
C GLY B 298 -32.28 22.97 3.31
N VAL B 299 -33.04 21.96 2.93
CA VAL B 299 -32.74 21.26 1.69
C VAL B 299 -33.44 21.88 0.47
N SER B 300 -32.83 21.70 -0.69
CA SER B 300 -33.34 22.21 -1.97
C SER B 300 -34.27 21.17 -2.59
N GLY B 301 -35.14 21.63 -3.47
CA GLY B 301 -36.04 20.71 -4.14
C GLY B 301 -35.35 20.20 -5.40
N GLY B 302 -36.07 19.41 -6.19
CA GLY B 302 -35.49 18.90 -7.41
C GLY B 302 -35.37 17.40 -7.41
N ASN B 303 -34.75 16.85 -6.36
CA ASN B 303 -34.61 15.41 -6.23
C ASN B 303 -35.22 14.96 -4.89
N GLY B 304 -36.34 15.58 -4.52
CA GLY B 304 -37.03 15.23 -3.28
C GLY B 304 -36.24 15.46 -2.00
N GLY B 305 -35.27 16.37 -2.05
CA GLY B 305 -34.46 16.64 -0.87
C GLY B 305 -33.19 15.78 -0.82
N GLN B 306 -33.08 14.81 -1.73
CA GLN B 306 -31.92 13.92 -1.76
C GLN B 306 -30.68 14.62 -2.31
N TYR B 307 -29.53 14.34 -1.68
CA TYR B 307 -28.22 14.84 -2.12
C TYR B 307 -28.18 16.34 -2.25
N SER B 308 -28.81 17.01 -1.30
CA SER B 308 -28.86 18.46 -1.29
C SER B 308 -28.03 19.03 -0.17
N SER B 309 -27.64 20.30 -0.33
CA SER B 309 -26.91 20.97 0.73
C SER B 309 -28.03 21.15 1.73
N HIS B 310 -27.68 21.43 2.98
CA HIS B 310 -28.66 21.59 4.04
C HIS B 310 -28.06 22.51 5.08
N SER B 311 -28.87 22.88 6.08
CA SER B 311 -28.45 23.75 7.18
C SER B 311 -28.74 23.10 8.53
N THR B 312 -28.44 21.79 8.65
CA THR B 312 -28.68 21.09 9.91
C THR B 312 -27.46 21.11 10.85
N PRO B 313 -27.65 21.58 12.10
CA PRO B 313 -26.59 21.65 13.11
C PRO B 313 -25.99 20.27 13.29
N GLY B 314 -24.67 20.20 13.52
CA GLY B 314 -24.02 18.91 13.69
C GLY B 314 -23.58 18.60 15.11
N GLU B 315 -23.52 19.63 15.95
CA GLU B 315 -23.10 19.48 17.34
C GLU B 315 -23.99 18.56 18.13
N ASP B 316 -23.41 18.02 19.20
CA ASP B 316 -24.15 17.15 20.10
C ASP B 316 -23.83 17.61 21.52
N PRO B 317 -24.86 17.90 22.32
CA PRO B 317 -26.28 17.83 21.98
C PRO B 317 -26.77 18.88 20.99
N TYR B 318 -28.03 18.74 20.59
CA TYR B 318 -28.63 19.71 19.69
C TYR B 318 -28.46 21.00 20.48
N PRO B 319 -27.75 21.98 19.88
CA PRO B 319 -27.43 23.30 20.44
C PRO B 319 -28.54 24.35 20.53
N SER B 320 -29.54 24.23 19.67
CA SER B 320 -30.66 25.17 19.61
C SER B 320 -31.90 24.66 20.35
N THR B 321 -32.93 25.51 20.42
CA THR B 321 -34.17 25.16 21.09
C THR B 321 -35.30 25.09 20.05
N ASP B 322 -34.90 25.36 18.81
CA ASP B 322 -35.74 25.36 17.60
C ASP B 322 -36.06 23.91 17.15
N TYR B 323 -37.32 23.49 17.26
CA TYR B 323 -37.70 22.15 16.84
C TYR B 323 -38.53 22.22 15.56
N TRP B 324 -37.81 22.06 14.46
CA TRP B 324 -38.33 22.18 13.10
C TRP B 324 -38.86 20.96 12.35
N LEU B 325 -38.84 19.78 12.96
CA LEU B 325 -39.37 18.61 12.26
C LEU B 325 -40.86 18.64 12.58
N VAL B 326 -41.63 19.18 11.65
CA VAL B 326 -43.07 19.33 11.83
C VAL B 326 -43.79 18.05 12.19
N GLY B 327 -44.61 18.12 13.24
CA GLY B 327 -45.38 16.97 13.65
C GLY B 327 -44.65 15.99 14.55
N CYS B 328 -43.35 16.21 14.74
CA CYS B 328 -42.55 15.32 15.60
C CYS B 328 -42.52 15.77 17.06
N GLU B 329 -43.53 15.40 17.83
CA GLU B 329 -43.56 15.80 19.24
C GLU B 329 -42.55 15.04 20.07
N GLU B 330 -42.20 13.83 19.63
CA GLU B 330 -41.20 13.00 20.32
C GLU B 330 -39.88 13.80 20.32
N CYS B 331 -39.63 14.50 19.22
CA CYS B 331 -38.44 15.33 19.04
C CYS B 331 -38.39 16.45 20.08
N VAL B 332 -39.57 16.93 20.49
CA VAL B 332 -39.67 17.98 21.49
C VAL B 332 -39.36 17.40 22.86
N ARG B 333 -39.88 16.20 23.13
CA ARG B 333 -39.65 15.48 24.38
C ARG B 333 -38.15 15.18 24.52
N ASP B 334 -37.54 14.72 23.43
CA ASP B 334 -36.12 14.38 23.46
C ASP B 334 -35.21 15.55 23.10
N LYS B 335 -35.82 16.69 22.77
CA LYS B 335 -35.06 17.90 22.44
C LYS B 335 -34.08 17.82 21.26
N ASP B 336 -34.46 17.13 20.19
CA ASP B 336 -33.59 17.04 19.04
C ASP B 336 -34.47 16.71 17.84
N PRO B 337 -34.55 17.63 16.87
CA PRO B 337 -35.36 17.45 15.67
C PRO B 337 -34.65 16.67 14.58
N ARG B 338 -33.44 16.18 14.87
CA ARG B 338 -32.64 15.49 13.86
C ARG B 338 -32.79 13.97 13.79
N ILE B 339 -33.52 13.42 14.76
CA ILE B 339 -33.73 11.98 14.83
C ILE B 339 -35.18 11.76 15.25
N ALA B 340 -35.85 10.81 14.60
CA ALA B 340 -37.24 10.50 14.92
C ALA B 340 -37.43 8.99 14.79
N SER B 341 -38.14 8.40 15.75
CA SER B 341 -38.41 6.96 15.70
C SER B 341 -39.35 6.64 14.55
N TYR B 342 -39.29 5.42 14.04
CA TYR B 342 -40.21 5.00 12.98
C TYR B 342 -41.66 5.21 13.47
N ARG B 343 -41.88 4.93 14.75
CA ARG B 343 -43.22 5.06 15.33
C ARG B 343 -43.74 6.49 15.08
N GLN B 344 -42.88 7.46 15.37
CA GLN B 344 -43.21 8.88 15.21
C GLN B 344 -43.33 9.29 13.75
N LEU B 345 -42.40 8.81 12.91
CA LEU B 345 -42.44 9.14 11.49
C LEU B 345 -43.73 8.63 10.86
N GLU B 346 -44.21 7.48 11.32
CA GLU B 346 -45.43 6.89 10.78
C GLU B 346 -46.61 7.77 11.17
N GLN B 347 -46.59 8.25 12.42
CA GLN B 347 -47.65 9.12 12.89
C GLN B 347 -47.65 10.40 12.09
N MET B 348 -46.47 10.93 11.78
CA MET B 348 -46.38 12.15 10.99
C MET B 348 -46.98 11.93 9.60
N LEU B 349 -46.87 10.71 9.09
CA LEU B 349 -47.46 10.40 7.78
C LEU B 349 -48.98 10.26 7.87
N GLN B 350 -49.50 10.02 9.07
CA GLN B 350 -50.96 9.90 9.23
C GLN B 350 -51.54 11.24 9.76
N GLY B 351 -50.68 12.23 9.97
CA GLY B 351 -51.13 13.50 10.52
C GLY B 351 -51.37 14.62 9.52
N ASN B 352 -51.34 14.31 8.23
CA ASN B 352 -51.60 15.34 7.22
C ASN B 352 -50.76 16.59 7.51
N TYR B 353 -49.44 16.42 7.59
CA TYR B 353 -48.50 17.52 7.89
C TYR B 353 -47.74 18.04 6.66
N GLY B 354 -47.97 17.43 5.50
CA GLY B 354 -47.30 17.89 4.30
C GLY B 354 -46.06 17.14 3.86
N TYR B 355 -45.87 15.91 4.34
CA TYR B 355 -44.71 15.10 3.96
C TYR B 355 -45.13 14.20 2.81
N GLN B 356 -44.21 13.96 1.89
CA GLN B 356 -44.47 13.03 0.82
C GLN B 356 -43.56 11.85 1.14
N ARG B 357 -44.08 10.63 1.09
CA ARG B 357 -43.26 9.45 1.32
C ARG B 357 -42.79 9.05 -0.09
N LEU B 358 -41.49 9.14 -0.31
CA LEU B 358 -40.88 8.82 -1.61
C LEU B 358 -39.99 7.59 -1.49
N TRP B 359 -39.62 7.01 -2.62
CA TRP B 359 -38.82 5.78 -2.62
C TRP B 359 -37.68 5.88 -3.61
N ASN B 360 -36.47 5.44 -3.23
CA ASN B 360 -35.36 5.45 -4.17
C ASN B 360 -35.18 3.97 -4.57
N ASP B 361 -35.43 3.65 -5.83
CA ASP B 361 -35.39 2.25 -6.27
C ASP B 361 -34.01 1.69 -6.54
N LYS B 362 -32.99 2.52 -6.32
CA LYS B 362 -31.57 2.11 -6.46
C LYS B 362 -31.09 1.66 -5.06
N THR B 363 -31.26 2.54 -4.10
CA THR B 363 -30.86 2.25 -2.72
C THR B 363 -31.84 1.33 -1.98
N LYS B 364 -33.05 1.19 -2.54
CA LYS B 364 -34.16 0.39 -1.96
C LYS B 364 -34.54 0.87 -0.56
N THR B 365 -34.59 2.19 -0.42
CA THR B 365 -34.99 2.78 0.85
C THR B 365 -35.95 3.92 0.66
N PRO B 366 -36.82 4.15 1.66
CA PRO B 366 -37.78 5.25 1.55
C PRO B 366 -37.18 6.54 2.10
N TYR B 367 -37.86 7.65 1.83
CA TYR B 367 -37.44 8.93 2.41
C TYR B 367 -38.63 9.86 2.40
N LEU B 368 -38.62 10.85 3.29
CA LEU B 368 -39.70 11.83 3.36
C LEU B 368 -39.17 13.13 2.82
N TYR B 369 -40.05 13.87 2.16
CA TYR B 369 -39.67 15.16 1.65
C TYR B 369 -40.80 16.10 2.00
N HIS B 370 -40.45 17.22 2.60
CA HIS B 370 -41.45 18.22 2.96
C HIS B 370 -41.10 19.43 2.10
N ALA B 371 -41.79 19.53 0.96
CA ALA B 371 -41.57 20.59 -0.01
C ALA B 371 -41.75 21.97 0.60
N GLN B 372 -42.83 22.16 1.34
CA GLN B 372 -43.13 23.46 1.93
C GLN B 372 -42.06 23.98 2.91
N ASN B 373 -41.55 23.12 3.78
CA ASN B 373 -40.55 23.59 4.74
C ASN B 373 -39.10 23.21 4.41
N GLY B 374 -38.90 22.44 3.35
CA GLY B 374 -37.56 22.05 2.94
C GLY B 374 -36.90 21.03 3.84
N LEU B 375 -37.62 19.97 4.16
CA LEU B 375 -37.08 18.93 5.04
C LEU B 375 -36.86 17.64 4.27
N PHE B 376 -35.90 16.83 4.74
CA PHE B 376 -35.60 15.54 4.12
C PHE B 376 -35.40 14.57 5.29
N VAL B 377 -36.02 13.40 5.23
CA VAL B 377 -35.83 12.41 6.30
C VAL B 377 -35.45 11.08 5.65
N THR B 378 -34.33 10.51 6.11
CA THR B 378 -33.92 9.20 5.62
C THR B 378 -34.23 8.20 6.75
N TYR B 379 -34.92 7.11 6.38
CA TYR B 379 -35.31 6.11 7.33
C TYR B 379 -35.56 4.79 6.61
N ASP B 380 -35.90 3.77 7.40
CA ASP B 380 -36.20 2.44 6.90
C ASP B 380 -37.62 2.03 7.32
N ASP B 381 -38.23 1.14 6.56
CA ASP B 381 -39.59 0.70 6.89
C ASP B 381 -39.80 -0.74 6.44
N ALA B 382 -41.04 -1.25 6.54
CA ALA B 382 -41.29 -2.63 6.13
C ALA B 382 -40.92 -2.93 4.68
N GLU B 383 -40.98 -1.93 3.81
CA GLU B 383 -40.65 -2.18 2.40
C GLU B 383 -39.12 -2.31 2.18
N SER B 384 -38.36 -1.39 2.74
CA SER B 384 -36.90 -1.48 2.60
C SER B 384 -36.45 -2.77 3.28
N PHE B 385 -37.14 -3.20 4.34
CA PHE B 385 -36.73 -4.44 4.99
C PHE B 385 -36.95 -5.66 4.10
N LYS B 386 -37.82 -5.58 3.07
CA LYS B 386 -38.00 -6.76 2.22
C LYS B 386 -36.70 -7.01 1.44
N TYR B 387 -36.08 -5.93 0.97
CA TYR B 387 -34.85 -6.05 0.17
C TYR B 387 -33.70 -6.45 1.09
N LYS B 388 -33.66 -5.86 2.28
CA LYS B 388 -32.59 -6.24 3.23
C LYS B 388 -32.74 -7.69 3.70
N ALA B 389 -33.97 -8.13 3.97
CA ALA B 389 -34.13 -9.51 4.37
C ALA B 389 -33.74 -10.45 3.22
N LYS B 390 -34.09 -10.09 1.98
CA LYS B 390 -33.75 -10.95 0.84
C LYS B 390 -32.21 -11.02 0.68
N TYR B 391 -31.56 -9.89 0.92
CA TYR B 391 -30.09 -9.80 0.84
C TYR B 391 -29.46 -10.73 1.90
N ILE B 392 -29.99 -10.68 3.11
CA ILE B 392 -29.52 -11.54 4.20
C ILE B 392 -29.65 -12.99 3.80
N LYS B 393 -30.76 -13.36 3.17
CA LYS B 393 -30.92 -14.73 2.73
C LYS B 393 -29.97 -15.12 1.59
N GLN B 394 -29.93 -14.31 0.54
CA GLN B 394 -29.07 -14.57 -0.61
C GLN B 394 -27.59 -14.63 -0.28
N GLN B 395 -27.14 -13.73 0.59
CA GLN B 395 -25.74 -13.64 0.99
C GLN B 395 -25.39 -14.57 2.13
N GLN B 396 -26.37 -15.36 2.57
CA GLN B 396 -26.19 -16.31 3.65
C GLN B 396 -25.63 -15.66 4.92
N LEU B 397 -26.20 -14.51 5.27
CA LEU B 397 -25.79 -13.80 6.49
C LEU B 397 -26.50 -14.44 7.69
N GLY B 398 -26.04 -14.09 8.89
CA GLY B 398 -26.60 -14.67 10.10
C GLY B 398 -27.96 -14.19 10.51
N GLY B 399 -28.34 -13.00 10.05
CA GLY B 399 -29.60 -12.43 10.45
C GLY B 399 -29.56 -10.91 10.46
N VAL B 400 -30.42 -10.32 11.31
CA VAL B 400 -30.57 -8.87 11.39
C VAL B 400 -30.51 -8.39 12.84
N MET B 401 -29.99 -7.17 13.03
CA MET B 401 -29.94 -6.57 14.37
C MET B 401 -30.59 -5.22 14.20
N PHE B 402 -31.22 -4.69 15.26
CA PHE B 402 -31.77 -3.34 15.09
C PHE B 402 -31.72 -2.52 16.34
N TRP B 403 -31.64 -1.20 16.13
CA TRP B 403 -31.66 -0.21 17.21
C TRP B 403 -32.86 0.71 16.94
N HIS B 404 -33.85 0.79 17.85
CA HIS B 404 -34.00 -0.09 19.01
C HIS B 404 -35.49 -0.41 19.13
N LEU B 405 -35.81 -1.37 19.98
CA LEU B 405 -37.20 -1.83 20.17
C LEU B 405 -38.20 -0.73 20.46
N GLY B 406 -37.79 0.26 21.27
CA GLY B 406 -38.72 1.31 21.65
C GLY B 406 -39.13 2.23 20.52
N GLN B 407 -38.47 2.13 19.36
CA GLN B 407 -38.78 3.01 18.23
C GLN B 407 -39.73 2.36 17.20
N ASP B 408 -40.05 1.08 17.39
CA ASP B 408 -40.99 0.39 16.46
C ASP B 408 -42.37 1.01 16.84
N ASN B 409 -43.38 0.87 15.98
CA ASN B 409 -44.68 1.44 16.34
C ASN B 409 -45.32 0.55 17.44
N ARG B 410 -46.47 0.98 17.97
CA ARG B 410 -47.10 0.22 19.05
C ARG B 410 -47.40 -1.22 18.74
N ASN B 411 -47.74 -1.51 17.48
CA ASN B 411 -48.06 -2.88 17.12
C ASN B 411 -46.84 -3.73 16.82
N GLY B 412 -45.65 -3.12 16.85
CA GLY B 412 -44.42 -3.87 16.57
C GLY B 412 -44.33 -4.30 15.10
N ASP B 413 -44.81 -3.45 14.20
CA ASP B 413 -44.81 -3.81 12.78
C ASP B 413 -43.45 -4.04 12.11
N LEU B 414 -42.44 -3.24 12.46
CA LEU B 414 -41.11 -3.44 11.83
C LEU B 414 -40.54 -4.79 12.26
N LEU B 415 -40.62 -5.11 13.55
CA LEU B 415 -40.14 -6.43 14.00
C LEU B 415 -40.97 -7.56 13.35
N ALA B 416 -42.28 -7.35 13.24
CA ALA B 416 -43.15 -8.37 12.65
C ALA B 416 -42.77 -8.61 11.20
N ALA B 417 -42.41 -7.53 10.50
CA ALA B 417 -42.01 -7.61 9.11
C ALA B 417 -40.74 -8.46 8.96
N LEU B 418 -39.73 -8.16 9.75
CA LEU B 418 -38.50 -8.92 9.69
C LEU B 418 -38.76 -10.41 9.93
N ASP B 419 -39.55 -10.71 10.98
CA ASP B 419 -39.83 -12.11 11.29
C ASP B 419 -40.56 -12.77 10.11
N ARG B 420 -41.52 -12.04 9.56
CA ARG B 420 -42.31 -12.52 8.40
C ARG B 420 -41.42 -12.85 7.20
N TYR B 421 -40.56 -11.91 6.85
CA TYR B 421 -39.69 -12.11 5.69
C TYR B 421 -38.75 -13.28 5.83
N PHE B 422 -38.39 -13.65 7.05
CA PHE B 422 -37.52 -14.81 7.25
C PHE B 422 -38.27 -16.13 7.45
N ASN B 423 -39.41 -16.08 8.13
CA ASN B 423 -40.10 -17.30 8.53
C ASN B 423 -41.54 -17.58 8.13
N ALA B 424 -42.26 -16.61 7.59
CA ALA B 424 -43.67 -16.86 7.26
C ALA B 424 -43.85 -17.70 6.00
N ALA B 425 -44.66 -18.75 6.11
CA ALA B 425 -44.89 -19.62 4.96
C ALA B 425 -45.68 -18.88 3.90
N ASP B 426 -46.42 -17.85 4.30
CA ASP B 426 -47.23 -17.11 3.33
C ASP B 426 -46.61 -15.86 2.76
N TYR B 427 -45.31 -15.72 2.94
CA TYR B 427 -44.58 -14.60 2.36
C TYR B 427 -43.65 -15.23 1.32
N ASP B 428 -43.66 -14.70 0.11
CA ASP B 428 -42.87 -15.25 -0.99
C ASP B 428 -42.10 -14.14 -1.69
N ASP B 429 -40.79 -14.02 -1.43
CA ASP B 429 -40.02 -12.99 -2.10
C ASP B 429 -39.21 -13.51 -3.30
N SER B 430 -39.55 -14.71 -3.80
CA SER B 430 -38.79 -15.27 -4.92
C SER B 430 -38.71 -14.36 -6.14
N GLN B 431 -39.69 -13.49 -6.32
CA GLN B 431 -39.71 -12.61 -7.48
C GLN B 431 -39.36 -11.15 -7.15
N LEU B 432 -38.90 -10.90 -5.93
CA LEU B 432 -38.54 -9.55 -5.52
C LEU B 432 -37.28 -9.13 -6.29
N ASP B 433 -37.41 -8.05 -7.05
CA ASP B 433 -36.34 -7.52 -7.90
C ASP B 433 -35.39 -6.65 -7.10
N MET B 434 -34.15 -7.12 -6.92
CA MET B 434 -33.18 -6.37 -6.13
C MET B 434 -32.66 -5.09 -6.78
N GLY B 435 -33.03 -4.84 -8.04
CA GLY B 435 -32.64 -3.58 -8.64
C GLY B 435 -31.25 -3.51 -9.25
N THR B 436 -30.98 -2.34 -9.78
CA THR B 436 -29.71 -2.07 -10.45
C THR B 436 -28.83 -1.08 -9.70
N GLY B 437 -29.10 -0.87 -8.42
CA GLY B 437 -28.24 0.07 -7.68
C GLY B 437 -26.81 -0.48 -7.67
N LEU B 438 -25.86 0.37 -7.35
CA LEU B 438 -24.44 -0.01 -7.36
C LEU B 438 -24.04 -1.02 -6.28
N ARG B 439 -23.45 -2.12 -6.72
CA ARG B 439 -22.93 -3.17 -5.84
C ARG B 439 -21.45 -2.85 -5.57
N TYR B 440 -20.97 -3.29 -4.42
CA TYR B 440 -19.55 -3.12 -4.07
C TYR B 440 -18.83 -4.27 -4.80
N THR B 441 -17.84 -3.92 -5.61
CA THR B 441 -17.13 -4.90 -6.41
C THR B 441 -15.66 -5.18 -6.06
N GLY B 442 -15.23 -4.78 -4.88
CA GLY B 442 -13.85 -5.07 -4.49
C GLY B 442 -13.56 -6.55 -4.37
N VAL B 443 -12.32 -6.96 -4.66
CA VAL B 443 -11.89 -8.35 -4.51
C VAL B 443 -10.64 -8.30 -3.62
N GLY B 444 -10.59 -9.14 -2.59
CA GLY B 444 -9.47 -9.15 -1.66
C GLY B 444 -8.58 -10.35 -1.89
N PRO B 445 -7.24 -10.21 -1.76
CA PRO B 445 -6.28 -11.32 -1.96
C PRO B 445 -6.68 -12.49 -1.10
N GLY B 446 -7.60 -12.22 -0.18
CA GLY B 446 -8.10 -13.23 0.71
C GLY B 446 -9.32 -13.96 0.15
N ASN B 447 -10.06 -13.34 -0.77
CA ASN B 447 -11.26 -13.98 -1.33
C ASN B 447 -11.31 -13.97 -2.88
N LEU B 448 -10.24 -14.49 -3.46
CA LEU B 448 -10.12 -14.55 -4.90
C LEU B 448 -10.98 -15.64 -5.50
N PRO B 449 -11.42 -15.45 -6.75
CA PRO B 449 -12.27 -16.46 -7.42
C PRO B 449 -11.40 -17.63 -7.87
N ILE B 450 -12.05 -18.74 -8.23
CA ILE B 450 -11.30 -19.88 -8.74
C ILE B 450 -10.89 -19.44 -10.15
N MET B 451 -9.66 -19.70 -10.55
CA MET B 451 -9.24 -19.36 -11.92
C MET B 451 -8.39 -20.49 -12.41
N THR B 452 -8.12 -20.56 -13.72
CA THR B 452 -7.33 -21.65 -14.24
C THR B 452 -6.25 -21.10 -15.18
N ALA B 453 -5.04 -21.58 -15.06
CA ALA B 453 -3.97 -21.15 -15.96
C ALA B 453 -2.90 -22.20 -16.01
N PRO B 454 -2.05 -22.15 -17.06
CA PRO B 454 -0.95 -23.11 -17.20
C PRO B 454 0.03 -22.95 -16.04
N ALA B 455 0.64 -24.04 -15.61
CA ALA B 455 1.58 -24.00 -14.51
C ALA B 455 2.77 -23.14 -14.91
N TYR B 456 3.30 -22.43 -13.93
CA TYR B 456 4.46 -21.60 -14.18
C TYR B 456 5.63 -22.52 -14.61
N VAL B 457 6.39 -22.09 -15.62
CA VAL B 457 7.54 -22.86 -16.08
C VAL B 457 8.81 -22.06 -15.79
N PRO B 458 9.63 -22.53 -14.84
CA PRO B 458 10.88 -21.84 -14.48
C PRO B 458 11.79 -21.64 -15.72
N GLY B 459 12.54 -20.55 -15.75
CA GLY B 459 13.42 -20.31 -16.89
C GLY B 459 12.72 -19.74 -18.11
N THR B 460 11.43 -19.47 -17.96
CA THR B 460 10.59 -18.90 -19.03
C THR B 460 10.52 -17.39 -18.81
N THR B 461 10.37 -16.61 -19.89
CA THR B 461 10.23 -15.16 -19.76
C THR B 461 8.79 -14.86 -20.14
N TYR B 462 8.06 -14.16 -19.27
CA TYR B 462 6.67 -13.88 -19.53
C TYR B 462 6.40 -12.46 -19.93
N ALA B 463 5.42 -12.30 -20.82
CA ALA B 463 4.99 -10.98 -21.29
C ALA B 463 4.03 -10.38 -20.27
N GLN B 464 3.79 -9.07 -20.38
CA GLN B 464 2.85 -8.38 -19.49
C GLN B 464 1.46 -9.01 -19.64
N GLY B 465 0.75 -9.20 -18.53
CA GLY B 465 -0.57 -9.78 -18.62
C GLY B 465 -0.66 -11.29 -18.64
N ALA B 466 0.50 -11.97 -18.68
CA ALA B 466 0.49 -13.42 -18.71
C ALA B 466 -0.05 -13.98 -17.40
N LEU B 467 -0.74 -15.12 -17.50
CA LEU B 467 -1.34 -15.79 -16.35
C LEU B 467 -0.75 -17.16 -16.18
N VAL B 468 -0.39 -17.51 -14.93
CA VAL B 468 0.17 -18.83 -14.60
C VAL B 468 -0.35 -19.32 -13.27
N SER B 469 -0.32 -20.62 -13.05
CA SER B 469 -0.70 -21.18 -11.78
C SER B 469 0.61 -21.55 -11.05
N TYR B 470 0.65 -21.25 -9.77
CA TYR B 470 1.85 -21.52 -9.02
C TYR B 470 1.51 -21.51 -7.54
N GLN B 471 1.91 -22.58 -6.86
CA GLN B 471 1.69 -22.75 -5.43
C GLN B 471 0.32 -22.36 -4.89
N GLY B 472 -0.74 -22.89 -5.50
CA GLY B 472 -2.09 -22.63 -5.01
C GLY B 472 -2.83 -21.43 -5.55
N TYR B 473 -2.18 -20.58 -6.32
CA TYR B 473 -2.85 -19.43 -6.88
C TYR B 473 -2.57 -19.24 -8.35
N VAL B 474 -3.39 -18.39 -8.98
CA VAL B 474 -3.20 -18.01 -10.37
C VAL B 474 -2.68 -16.56 -10.24
N TRP B 475 -1.60 -16.28 -10.96
CA TRP B 475 -0.91 -15.00 -10.91
C TRP B 475 -0.84 -14.34 -12.25
N GLN B 476 -0.86 -13.02 -12.27
CA GLN B 476 -0.75 -12.30 -13.53
C GLN B 476 0.42 -11.30 -13.47
N THR B 477 1.17 -11.17 -14.56
CA THR B 477 2.31 -10.22 -14.58
C THR B 477 1.80 -8.79 -14.77
N LYS B 478 2.47 -7.85 -14.11
CA LYS B 478 2.07 -6.44 -14.17
C LYS B 478 2.90 -5.65 -15.19
N TRP B 479 3.97 -6.27 -15.69
CA TRP B 479 4.80 -5.67 -16.74
C TRP B 479 5.48 -6.80 -17.49
N GLY B 480 6.32 -6.49 -18.48
CA GLY B 480 6.95 -7.53 -19.29
C GLY B 480 8.34 -8.03 -19.00
N TYR B 481 8.79 -9.03 -19.76
CA TYR B 481 10.12 -9.64 -19.60
C TYR B 481 10.30 -10.16 -18.19
N ILE B 482 9.30 -10.87 -17.69
CA ILE B 482 9.34 -11.40 -16.34
C ILE B 482 10.07 -12.73 -16.29
N THR B 483 11.16 -12.78 -15.51
CA THR B 483 11.97 -14.00 -15.40
C THR B 483 11.97 -14.58 -13.99
N SER B 484 11.25 -13.91 -13.09
CA SER B 484 11.14 -14.33 -11.70
C SER B 484 9.91 -15.21 -11.49
N ALA B 485 9.93 -16.02 -10.44
CA ALA B 485 8.80 -16.89 -10.13
C ALA B 485 7.75 -16.11 -9.36
N PRO B 486 6.46 -16.48 -9.51
CA PRO B 486 5.37 -15.79 -8.81
C PRO B 486 5.54 -15.83 -7.29
N GLY B 487 5.17 -14.75 -6.62
CA GLY B 487 5.28 -14.70 -5.17
C GLY B 487 6.62 -14.18 -4.70
N SER B 488 7.66 -14.51 -5.50
CA SER B 488 9.03 -14.14 -5.19
C SER B 488 9.47 -12.75 -5.62
N ASP B 489 8.50 -11.89 -5.97
CA ASP B 489 8.82 -10.53 -6.38
C ASP B 489 7.59 -9.72 -6.76
N SER B 490 7.83 -8.43 -6.92
CA SER B 490 6.82 -7.46 -7.23
C SER B 490 6.14 -7.56 -8.57
N ALA B 491 6.67 -8.36 -9.50
CA ALA B 491 6.08 -8.40 -10.83
C ALA B 491 4.78 -9.17 -10.98
N TRP B 492 4.47 -10.02 -10.01
CA TRP B 492 3.27 -10.86 -10.12
C TRP B 492 2.14 -10.48 -9.18
N LEU B 493 0.90 -10.58 -9.66
CA LEU B 493 -0.28 -10.25 -8.86
C LEU B 493 -1.13 -11.50 -8.66
N LYS B 494 -1.47 -11.85 -7.42
CA LYS B 494 -2.37 -12.99 -7.20
C LYS B 494 -3.75 -12.58 -7.69
N VAL B 495 -4.33 -13.34 -8.62
CA VAL B 495 -5.65 -12.98 -9.13
C VAL B 495 -6.72 -14.06 -9.00
N GLY B 496 -6.32 -15.27 -8.62
CA GLY B 496 -7.30 -16.33 -8.45
C GLY B 496 -6.72 -17.45 -7.64
N ARG B 497 -7.57 -18.40 -7.26
CA ARG B 497 -7.15 -19.56 -6.50
C ARG B 497 -7.23 -20.76 -7.43
N VAL B 498 -6.26 -21.66 -7.29
CA VAL B 498 -6.22 -22.91 -8.06
C VAL B 498 -7.19 -23.95 -7.42
N ALA B 499 -7.99 -24.63 -8.24
CA ALA B 499 -8.91 -25.64 -7.70
C ALA B 499 -8.12 -26.87 -7.18
#